data_8D3N
#
_entry.id   8D3N
#
_cell.length_a   91.317
_cell.length_b   115.223
_cell.length_c   122.479
_cell.angle_alpha   90.000
_cell.angle_beta   90.000
_cell.angle_gamma   90.000
#
_symmetry.space_group_name_H-M   'P 21 21 21'
#
loop_
_entity.id
_entity.type
_entity.pdbx_description
1 polymer 'Apoptosis-inducing factor 1, mitochondrial'
2 non-polymer 7-chloroquinolin-4-amine
3 non-polymer 'FLAVIN-ADENINE DINUCLEOTIDE'
4 non-polymer 1,2-ETHANEDIOL
5 non-polymer 'SULFATE ION'
6 water water
#
_entity_poly.entity_id   1
_entity_poly.type   'polypeptide(L)'
_entity_poly.pdbx_seq_one_letter_code
;MVGAGAYAYKTMKEDEKRYNERISGLGLTPEQKQKKAALSASEGEEVPQDKAPSHVPFLLIGGGTAAFAAARSIRARDPG
ARVLIVSEDPELPYMRPPLSKELWFSDDPNVTKTLRFKQWNGKERSIYFQPPSFYVSAQDLPHIENGGVAVLTGKKVVQL
DVRDNMVKLNDGSQITYEKCLIATGGTPRSLSAIDRAGAEVKSRTTLFRKIGDFRSLEKISREVKSITIIGGGFLGSELA
CALGRKARALGTEVIQLFPEKGNMGKILPEYLSNWTMEKVRREGVKVMPNAIVQSVGVSSGKLLIKLKDGRKVETDHIVA
AVGLEPNVELAKTGGLEIDSDFGGFRVNAELQARSNIWVAGDAA(CSX)FYDIKLGRRRVEHHDHAVVSGRLAGENMTGA
AKPYWHQSMFWSDLGPDVGYEAIGLVDSSLPTVGVFAKATAQDNPKSATEQSGTGIRSESETESEASEITIPPSTPAVPQ
APVQGEDYGKGVIFYLRDKVVVGIVLWNIFNRMPIARKIIKDGEQHEDLNEVAKLFNIHEDLEVLFQ
;
_entity_poly.pdbx_strand_id   A,B
#
# COMPACT_ATOMS: atom_id res chain seq x y z
N LYS A 51 35.67 -9.78 -10.69
CA LYS A 51 35.69 -8.80 -9.61
C LYS A 51 34.54 -9.04 -8.65
N ALA A 52 33.32 -8.87 -9.14
CA ALA A 52 32.13 -9.08 -8.33
C ALA A 52 32.00 -10.54 -7.95
N PRO A 53 31.92 -10.89 -6.67
CA PRO A 53 31.75 -12.30 -6.29
C PRO A 53 30.39 -12.82 -6.75
N SER A 54 30.23 -14.13 -6.63
CA SER A 54 28.99 -14.77 -7.06
C SER A 54 27.91 -14.70 -5.99
N HIS A 55 28.30 -14.60 -4.72
CA HIS A 55 27.35 -14.52 -3.63
C HIS A 55 27.85 -13.54 -2.58
N VAL A 56 26.94 -12.78 -2.01
CA VAL A 56 27.26 -11.85 -0.92
C VAL A 56 26.14 -11.90 0.10
N PRO A 57 26.43 -11.84 1.40
CA PRO A 57 25.34 -11.84 2.38
C PRO A 57 24.43 -10.62 2.26
N PHE A 58 25.01 -9.41 2.20
CA PHE A 58 24.24 -8.17 2.13
C PHE A 58 24.58 -7.46 0.83
N LEU A 59 23.56 -7.28 -0.01
CA LEU A 59 23.70 -6.57 -1.29
C LEU A 59 22.92 -5.27 -1.21
N LEU A 60 23.61 -4.16 -1.42
CA LEU A 60 23.00 -2.83 -1.43
C LEU A 60 23.02 -2.31 -2.86
N ILE A 61 21.85 -2.06 -3.43
CA ILE A 61 21.73 -1.59 -4.80
C ILE A 61 21.69 -0.06 -4.78
N GLY A 62 22.70 0.56 -5.39
CA GLY A 62 22.85 2.00 -5.32
C GLY A 62 23.93 2.40 -4.34
N GLY A 63 24.74 3.38 -4.70
CA GLY A 63 25.88 3.77 -3.89
C GLY A 63 25.78 5.20 -3.39
N GLY A 64 24.64 5.55 -2.80
CA GLY A 64 24.43 6.89 -2.29
C GLY A 64 24.37 6.96 -0.78
N THR A 65 23.63 7.94 -0.28
CA THR A 65 23.57 8.20 1.16
C THR A 65 22.86 7.08 1.91
N ALA A 66 21.71 6.62 1.39
CA ALA A 66 20.98 5.57 2.08
C ALA A 66 21.76 4.27 2.10
N ALA A 67 22.41 3.93 0.99
CA ALA A 67 23.20 2.69 0.95
C ALA A 67 24.36 2.76 1.94
N PHE A 68 25.05 3.90 2.00
CA PHE A 68 26.20 3.97 2.90
C PHE A 68 25.76 3.88 4.36
N ALA A 69 24.67 4.56 4.72
CA ALA A 69 24.18 4.49 6.08
C ALA A 69 23.79 3.06 6.45
N ALA A 70 23.22 2.33 5.50
CA ALA A 70 22.85 0.94 5.75
C ALA A 70 24.08 0.06 5.94
N ALA A 71 25.11 0.25 5.11
CA ALA A 71 26.33 -0.54 5.25
C ALA A 71 26.97 -0.32 6.61
N ARG A 72 27.05 0.94 7.05
CA ARG A 72 27.58 1.23 8.38
C ARG A 72 26.72 0.59 9.45
N SER A 73 25.40 0.67 9.30
CA SER A 73 24.48 0.09 10.26
C SER A 73 24.65 -1.42 10.33
N ILE A 74 24.73 -2.08 9.18
CA ILE A 74 24.93 -3.53 9.14
C ILE A 74 26.23 -3.92 9.83
N ARG A 75 27.32 -3.22 9.49
CA ARG A 75 28.61 -3.54 10.08
C ARG A 75 28.58 -3.35 11.60
N ALA A 76 27.85 -2.34 12.08
CA ALA A 76 27.79 -2.11 13.52
C ALA A 76 26.92 -3.15 14.22
N ARG A 77 25.85 -3.61 13.57
CA ARG A 77 24.94 -4.56 14.18
C ARG A 77 25.41 -6.00 14.01
N ASP A 78 26.15 -6.29 12.95
CA ASP A 78 26.62 -7.63 12.62
C ASP A 78 28.13 -7.57 12.42
N PRO A 79 28.90 -7.58 13.51
CA PRO A 79 30.37 -7.55 13.36
C PRO A 79 30.84 -8.65 12.43
N GLY A 80 31.79 -8.31 11.55
CA GLY A 80 32.26 -9.23 10.54
C GLY A 80 31.40 -9.35 9.31
N ALA A 81 30.30 -8.61 9.21
CA ALA A 81 29.43 -8.69 8.05
C ALA A 81 30.19 -8.36 6.77
N ARG A 82 29.71 -8.93 5.66
CA ARG A 82 30.27 -8.71 4.33
C ARG A 82 29.22 -8.03 3.47
N VAL A 83 29.42 -6.75 3.17
CA VAL A 83 28.43 -5.91 2.51
C VAL A 83 28.98 -5.46 1.17
N LEU A 84 28.19 -5.67 0.11
CA LEU A 84 28.55 -5.24 -1.24
C LEU A 84 27.60 -4.14 -1.68
N ILE A 85 28.15 -2.99 -2.04
CA ILE A 85 27.40 -1.90 -2.66
C ILE A 85 27.67 -1.96 -4.15
N VAL A 86 26.61 -1.92 -4.95
CA VAL A 86 26.72 -1.85 -6.40
C VAL A 86 26.24 -0.48 -6.83
N SER A 87 27.13 0.30 -7.44
CA SER A 87 26.85 1.69 -7.77
C SER A 87 27.14 1.94 -9.24
N GLU A 88 26.15 2.46 -9.96
CA GLU A 88 26.37 2.81 -11.36
C GLU A 88 27.28 4.02 -11.52
N ASP A 89 27.37 4.89 -10.50
CA ASP A 89 28.27 6.03 -10.55
C ASP A 89 29.72 5.56 -10.40
N PRO A 90 30.68 6.29 -10.98
CA PRO A 90 32.08 5.92 -10.80
C PRO A 90 32.68 6.33 -9.45
N GLU A 91 32.00 7.18 -8.69
CA GLU A 91 32.52 7.67 -7.43
C GLU A 91 32.04 6.82 -6.26
N LEU A 92 32.83 6.82 -5.18
CA LEU A 92 32.40 6.21 -3.95
C LEU A 92 31.28 7.03 -3.31
N PRO A 93 30.54 6.44 -2.36
CA PRO A 93 29.42 7.16 -1.77
C PRO A 93 29.84 8.53 -1.23
N TYR A 94 29.06 9.55 -1.56
CA TYR A 94 29.33 10.90 -1.11
C TYR A 94 28.03 11.62 -0.83
N MET A 95 28.11 12.67 -0.01
CA MET A 95 26.95 13.48 0.32
C MET A 95 26.77 14.59 -0.72
N ARG A 96 25.51 14.91 -0.99
CA ARG A 96 25.15 15.84 -2.05
C ARG A 96 24.90 17.27 -1.59
N PRO A 97 24.44 17.52 -0.37
CA PRO A 97 24.10 18.90 0.04
C PRO A 97 25.21 19.89 -0.25
N PRO A 98 26.48 19.53 -0.04
CA PRO A 98 27.55 20.49 -0.32
C PRO A 98 27.64 20.91 -1.77
N LEU A 99 27.10 20.12 -2.71
CA LEU A 99 27.22 20.43 -4.12
C LEU A 99 26.49 21.71 -4.51
N SER A 100 25.49 22.12 -3.74
CA SER A 100 24.77 23.36 -4.01
C SER A 100 25.03 24.42 -2.95
N LYS A 101 25.94 24.15 -2.01
CA LYS A 101 26.18 25.07 -0.90
C LYS A 101 27.66 25.25 -0.61
N GLU A 102 28.19 24.54 0.39
CA GLU A 102 29.52 24.87 0.91
C GLU A 102 30.60 24.82 -0.16
N LEU A 103 30.50 23.93 -1.14
CA LEU A 103 31.55 23.84 -2.15
C LEU A 103 31.64 25.10 -3.00
N TRP A 104 30.57 25.89 -3.07
CA TRP A 104 30.59 27.14 -3.83
C TRP A 104 31.08 28.32 -3.00
N PHE A 105 31.05 28.22 -1.68
CA PHE A 105 31.48 29.30 -0.79
C PHE A 105 32.86 29.05 -0.20
N SER A 106 33.68 28.24 -0.86
CA SER A 106 34.98 27.85 -0.33
C SER A 106 36.04 28.89 -0.69
N ASP A 107 36.96 29.11 0.23
CA ASP A 107 38.06 30.03 -0.04
C ASP A 107 39.12 29.38 -0.91
N ASP A 108 39.26 28.05 -0.83
CA ASP A 108 40.23 27.34 -1.66
C ASP A 108 39.76 27.32 -3.11
N PRO A 109 40.52 27.84 -4.07
CA PRO A 109 40.12 27.72 -5.48
C PRO A 109 40.35 26.34 -6.08
N ASN A 110 41.01 25.44 -5.36
CA ASN A 110 41.14 24.04 -5.78
C ASN A 110 39.98 23.18 -5.29
N VAL A 111 38.93 23.79 -4.75
CA VAL A 111 37.81 23.03 -4.20
C VAL A 111 37.20 22.10 -5.24
N THR A 112 37.20 22.51 -6.50
CA THR A 112 36.65 21.67 -7.55
C THR A 112 37.43 20.36 -7.69
N LYS A 113 38.72 20.38 -7.35
CA LYS A 113 39.56 19.19 -7.41
C LYS A 113 39.56 18.43 -6.08
N THR A 114 39.75 19.15 -4.97
CA THR A 114 39.82 18.49 -3.66
C THR A 114 38.47 17.96 -3.21
N LEU A 115 37.38 18.61 -3.63
CA LEU A 115 36.04 18.28 -3.14
C LEU A 115 36.00 18.28 -1.63
N ARG A 116 36.82 19.13 -1.01
CA ARG A 116 36.78 19.41 0.42
C ARG A 116 36.14 20.78 0.64
N PHE A 117 35.41 20.89 1.75
CA PHE A 117 34.68 22.12 2.06
C PHE A 117 34.76 22.35 3.57
N LYS A 118 34.59 23.62 3.96
CA LYS A 118 34.57 23.98 5.37
C LYS A 118 33.12 24.06 5.83
N GLN A 119 32.78 23.26 6.84
CA GLN A 119 31.46 23.30 7.45
C GLN A 119 31.19 24.62 8.15
N ASN A 121 31.58 23.63 13.19
CA ASN A 121 31.49 24.88 12.44
C ASN A 121 32.88 25.37 12.06
N GLY A 122 33.21 25.25 10.76
CA GLY A 122 34.48 25.67 10.23
C GLY A 122 35.43 24.53 9.93
N LYS A 123 35.21 23.37 10.54
CA LYS A 123 36.05 22.21 10.29
C LYS A 123 35.93 21.80 8.84
N GLU A 124 37.09 21.53 8.21
CA GLU A 124 37.11 21.09 6.83
C GLU A 124 36.90 19.58 6.75
N ARG A 125 36.24 19.14 5.68
CA ARG A 125 35.99 17.72 5.49
C ARG A 125 35.75 17.45 4.02
N SER A 126 35.78 16.16 3.68
CA SER A 126 35.56 15.69 2.33
C SER A 126 34.07 15.43 2.08
N ILE A 127 33.69 15.52 0.81
CA ILE A 127 32.32 15.22 0.42
C ILE A 127 32.04 13.73 0.54
N TYR A 128 33.07 12.89 0.48
CA TYR A 128 32.88 11.45 0.59
C TYR A 128 32.60 11.06 2.03
N PHE A 129 31.74 10.05 2.21
CA PHE A 129 31.42 9.61 3.55
C PHE A 129 32.64 9.00 4.23
N GLN A 130 33.45 8.27 3.47
CA GLN A 130 34.67 7.66 3.98
C GLN A 130 35.73 7.68 2.89
N PRO A 131 37.00 7.72 3.27
CA PRO A 131 38.07 7.59 2.28
C PRO A 131 38.12 6.18 1.72
N PRO A 132 38.74 5.98 0.56
CA PRO A 132 38.85 4.62 0.01
C PRO A 132 39.41 3.62 0.99
N SER A 133 40.27 4.04 1.92
CA SER A 133 40.84 3.10 2.88
C SER A 133 39.78 2.39 3.70
N PHE A 134 38.60 3.00 3.84
CA PHE A 134 37.54 2.38 4.63
C PHE A 134 36.98 1.13 3.94
N TYR A 135 37.06 1.06 2.61
CA TYR A 135 36.45 -0.01 1.83
C TYR A 135 37.45 -1.11 1.48
N VAL A 136 36.90 -2.29 1.21
CA VAL A 136 37.65 -3.42 0.66
C VAL A 136 37.17 -3.67 -0.76
N SER A 137 38.00 -4.36 -1.54
CA SER A 137 37.62 -4.67 -2.92
C SER A 137 36.56 -5.76 -2.93
N ALA A 138 35.73 -5.74 -3.98
CA ALA A 138 34.68 -6.75 -4.11
C ALA A 138 35.27 -8.15 -4.26
N GLN A 139 36.37 -8.28 -5.01
CA GLN A 139 36.95 -9.60 -5.23
C GLN A 139 37.44 -10.21 -3.93
N ASP A 140 37.97 -9.40 -3.03
CA ASP A 140 38.51 -9.87 -1.76
C ASP A 140 37.46 -9.94 -0.66
N LEU A 141 36.28 -9.37 -0.88
CA LEU A 141 35.26 -9.31 0.17
C LEU A 141 34.94 -10.68 0.77
N PRO A 142 34.85 -11.78 0.01
CA PRO A 142 34.53 -13.07 0.64
C PRO A 142 35.66 -13.63 1.50
N HIS A 143 36.91 -13.22 1.27
CA HIS A 143 38.05 -13.84 1.94
C HIS A 143 38.65 -13.00 3.05
N ILE A 144 38.46 -11.68 3.04
CA ILE A 144 39.09 -10.84 4.06
C ILE A 144 38.55 -11.22 5.43
N GLU A 145 39.47 -11.40 6.38
CA GLU A 145 39.08 -11.75 7.74
C GLU A 145 38.24 -10.63 8.36
N ASN A 146 37.12 -11.02 8.96
CA ASN A 146 36.18 -10.09 9.59
C ASN A 146 35.49 -9.19 8.57
N GLY A 147 35.50 -9.55 7.29
CA GLY A 147 34.68 -8.92 6.27
C GLY A 147 34.96 -7.44 6.06
N GLY A 148 33.95 -6.74 5.57
CA GLY A 148 34.09 -5.32 5.28
C GLY A 148 32.98 -4.86 4.35
N VAL A 149 33.19 -3.66 3.81
CA VAL A 149 32.26 -3.04 2.86
C VAL A 149 33.01 -2.81 1.55
N ALA A 150 32.43 -3.28 0.45
CA ALA A 150 32.99 -3.10 -0.87
C ALA A 150 32.00 -2.34 -1.75
N VAL A 151 32.53 -1.54 -2.67
CA VAL A 151 31.72 -0.79 -3.62
C VAL A 151 32.14 -1.21 -5.02
N LEU A 152 31.18 -1.71 -5.80
CA LEU A 152 31.40 -2.05 -7.20
C LEU A 152 30.90 -0.88 -8.04
N THR A 153 31.82 0.00 -8.44
CA THR A 153 31.47 1.21 -9.16
C THR A 153 31.37 0.95 -10.65
N GLY A 154 30.68 1.85 -11.34
CA GLY A 154 30.51 1.71 -12.78
C GLY A 154 29.72 0.47 -13.17
N LYS A 155 28.86 -0.01 -12.28
CA LYS A 155 28.04 -1.19 -12.54
C LYS A 155 26.60 -0.91 -12.12
N LYS A 156 25.66 -1.32 -12.96
CA LYS A 156 24.24 -1.07 -12.73
C LYS A 156 23.50 -2.40 -12.64
N VAL A 157 22.67 -2.55 -11.61
CA VAL A 157 21.75 -3.67 -11.53
C VAL A 157 20.62 -3.42 -12.51
N VAL A 158 20.47 -4.32 -13.49
CA VAL A 158 19.45 -4.17 -14.52
C VAL A 158 18.32 -5.18 -14.38
N GLN A 159 18.50 -6.24 -13.60
CA GLN A 159 17.45 -7.24 -13.40
C GLN A 159 17.49 -7.72 -11.96
N LEU A 160 16.31 -7.93 -11.39
CA LEU A 160 16.14 -8.36 -10.00
C LEU A 160 15.21 -9.56 -9.97
N ASP A 161 15.71 -10.70 -9.47
CA ASP A 161 14.94 -11.93 -9.34
C ASP A 161 14.65 -12.17 -7.87
N VAL A 162 13.44 -11.79 -7.44
CA VAL A 162 13.09 -11.87 -6.03
C VAL A 162 13.00 -13.32 -5.57
N ARG A 163 12.47 -14.21 -6.40
CA ARG A 163 12.28 -15.60 -5.99
C ARG A 163 13.63 -16.28 -5.70
N ASP A 164 14.63 -15.99 -6.52
CA ASP A 164 15.94 -16.63 -6.41
C ASP A 164 16.96 -15.78 -5.68
N ASN A 165 16.56 -14.64 -5.11
CA ASN A 165 17.47 -13.75 -4.39
C ASN A 165 18.71 -13.46 -5.23
N MET A 166 18.48 -12.97 -6.46
CA MET A 166 19.56 -12.78 -7.40
C MET A 166 19.32 -11.49 -8.20
N VAL A 167 20.43 -10.85 -8.58
CA VAL A 167 20.41 -9.72 -9.49
C VAL A 167 21.36 -10.02 -10.64
N LYS A 168 21.13 -9.31 -11.74
CA LYS A 168 21.98 -9.37 -12.93
C LYS A 168 22.44 -7.96 -13.24
N LEU A 169 23.74 -7.81 -13.48
CA LEU A 169 24.33 -6.50 -13.74
C LEU A 169 24.30 -6.20 -15.24
N ASN A 170 24.59 -4.93 -15.56
CA ASN A 170 24.61 -4.50 -16.95
C ASN A 170 25.64 -5.24 -17.79
N ASP A 171 26.67 -5.83 -17.16
CA ASP A 171 27.68 -6.58 -17.88
C ASP A 171 27.39 -8.08 -17.93
N GLY A 172 26.19 -8.50 -17.52
CA GLY A 172 25.83 -9.89 -17.54
C GLY A 172 26.14 -10.66 -16.28
N SER A 173 26.96 -10.11 -15.39
CA SER A 173 27.29 -10.80 -14.15
C SER A 173 26.04 -10.99 -13.30
N GLN A 174 26.03 -12.06 -12.52
CA GLN A 174 24.93 -12.40 -11.63
C GLN A 174 25.45 -12.53 -10.21
N ILE A 175 24.68 -12.00 -9.26
CA ILE A 175 25.05 -12.02 -7.85
C ILE A 175 23.84 -12.50 -7.05
N THR A 176 24.03 -13.53 -6.24
CA THR A 176 23.02 -13.97 -5.31
C THR A 176 23.27 -13.34 -3.95
N TYR A 177 22.19 -13.08 -3.22
CA TYR A 177 22.26 -12.38 -1.96
C TYR A 177 21.40 -13.11 -0.93
N GLU A 178 21.63 -12.78 0.34
CA GLU A 178 20.78 -13.22 1.43
C GLU A 178 19.84 -12.11 1.90
N LYS A 179 20.34 -10.87 1.95
CA LYS A 179 19.53 -9.70 2.26
C LYS A 179 19.89 -8.61 1.26
N CYS A 180 18.88 -7.89 0.78
CA CYS A 180 19.05 -6.90 -0.27
C CYS A 180 18.37 -5.60 0.12
N LEU A 181 19.07 -4.49 -0.13
CA LEU A 181 18.52 -3.16 0.01
C LEU A 181 18.49 -2.47 -1.35
N ILE A 182 17.34 -1.90 -1.70
CA ILE A 182 17.22 -1.06 -2.88
C ILE A 182 17.33 0.38 -2.40
N ALA A 183 18.39 1.07 -2.84
CA ALA A 183 18.65 2.45 -2.47
C ALA A 183 19.06 3.21 -3.74
N THR A 184 18.18 3.19 -4.73
CA THR A 184 18.49 3.68 -6.06
C THR A 184 18.27 5.18 -6.22
N GLY A 185 17.72 5.85 -5.21
CA GLY A 185 17.53 7.29 -5.31
C GLY A 185 16.58 7.66 -6.42
N GLY A 186 16.92 8.73 -7.15
CA GLY A 186 16.09 9.20 -8.24
C GLY A 186 16.90 9.94 -9.28
N THR A 187 16.24 10.24 -10.41
CA THR A 187 16.85 10.97 -11.51
C THR A 187 16.16 12.32 -11.70
N PRO A 188 16.91 13.39 -11.95
CA PRO A 188 16.28 14.71 -12.06
C PRO A 188 15.25 14.74 -13.17
N ARG A 189 14.15 15.45 -12.92
CA ARG A 189 13.16 15.69 -13.95
C ARG A 189 13.67 16.74 -14.94
N SER A 190 13.09 16.71 -16.14
CA SER A 190 13.33 17.72 -17.16
C SER A 190 12.00 18.33 -17.58
N LEU A 191 12.08 19.50 -18.21
CA LEU A 191 10.89 20.19 -18.69
C LEU A 191 10.56 19.74 -20.11
N SER A 192 9.26 19.59 -20.37
CA SER A 192 8.82 19.23 -21.72
C SER A 192 9.30 20.25 -22.75
N ALA A 193 9.39 21.52 -22.38
CA ALA A 193 9.87 22.53 -23.31
C ALA A 193 11.32 22.30 -23.70
N ILE A 194 12.12 21.75 -22.79
CA ILE A 194 13.52 21.49 -23.10
C ILE A 194 13.66 20.20 -23.90
N ASP A 195 12.80 19.21 -23.66
CA ASP A 195 12.86 17.97 -24.43
C ASP A 195 12.54 18.20 -25.89
N ARG A 196 11.72 19.21 -26.19
CA ARG A 196 11.35 19.55 -27.56
C ARG A 196 12.28 20.59 -28.19
N ALA A 197 13.28 21.08 -27.45
CA ALA A 197 14.05 22.24 -27.89
C ALA A 197 15.17 21.89 -28.85
N GLY A 198 15.59 20.63 -28.92
CA GLY A 198 16.65 20.21 -29.81
C GLY A 198 17.97 20.00 -29.08
N ALA A 199 18.91 19.37 -29.80
CA ALA A 199 20.17 18.99 -29.17
C ALA A 199 20.93 20.20 -28.67
N GLU A 200 20.94 21.29 -29.45
CA GLU A 200 21.68 22.49 -29.05
C GLU A 200 21.23 22.96 -27.67
N VAL A 201 19.92 23.11 -27.47
CA VAL A 201 19.41 23.58 -26.19
C VAL A 201 19.67 22.55 -25.09
N LYS A 202 19.52 21.26 -25.42
CA LYS A 202 19.71 20.22 -24.42
C LYS A 202 21.17 20.19 -23.94
N SER A 203 22.12 20.36 -24.87
CA SER A 203 23.53 20.36 -24.48
C SER A 203 23.88 21.52 -23.58
N ARG A 204 23.10 22.60 -23.63
CA ARG A 204 23.34 23.78 -22.81
C ARG A 204 22.39 23.86 -21.61
N THR A 205 21.81 22.72 -21.23
CA THR A 205 20.91 22.65 -20.08
C THR A 205 21.46 21.62 -19.10
N THR A 206 21.52 22.00 -17.83
CA THR A 206 22.15 21.18 -16.80
C THR A 206 21.09 20.66 -15.84
N LEU A 207 21.11 19.35 -15.61
CA LEU A 207 20.33 18.71 -14.56
C LEU A 207 21.29 18.45 -13.40
N PHE A 208 21.10 19.16 -12.29
CA PHE A 208 22.09 19.22 -11.23
C PHE A 208 21.81 18.16 -10.18
N ARG A 209 22.77 17.24 -10.00
CA ARG A 209 22.62 16.23 -8.95
C ARG A 209 23.95 15.62 -8.51
N LYS A 210 24.93 15.49 -9.41
CA LYS A 210 26.13 14.72 -9.15
C LYS A 210 27.37 15.63 -9.11
N ILE A 211 28.49 15.04 -8.67
CA ILE A 211 29.77 15.74 -8.64
C ILE A 211 30.08 16.32 -10.03
N GLY A 212 29.85 15.53 -11.08
CA GLY A 212 30.13 16.02 -12.42
C GLY A 212 29.29 17.23 -12.80
N ASP A 213 28.07 17.32 -12.27
CA ASP A 213 27.23 18.48 -12.56
C ASP A 213 27.76 19.73 -11.86
N PHE A 214 28.29 19.58 -10.65
CA PHE A 214 28.92 20.72 -9.97
C PHE A 214 30.15 21.19 -10.73
N ARG A 215 31.00 20.26 -11.14
CA ARG A 215 32.22 20.66 -11.84
C ARG A 215 31.90 21.33 -13.17
N SER A 216 30.94 20.79 -13.92
CA SER A 216 30.62 21.37 -15.22
C SER A 216 29.95 22.73 -15.08
N LEU A 217 29.08 22.90 -14.08
CA LEU A 217 28.41 24.18 -13.89
C LEU A 217 29.35 25.23 -13.32
N GLU A 218 30.28 24.81 -12.46
CA GLU A 218 31.28 25.74 -11.94
C GLU A 218 32.16 26.28 -13.06
N LYS A 219 32.52 25.43 -14.02
CA LYS A 219 33.28 25.90 -15.17
C LYS A 219 32.45 26.85 -16.02
N ILE A 220 31.17 26.55 -16.20
CA ILE A 220 30.29 27.42 -16.97
C ILE A 220 30.18 28.80 -16.31
N SER A 221 30.10 28.83 -14.98
CA SER A 221 29.99 30.10 -14.27
C SER A 221 31.19 31.00 -14.52
N ARG A 222 32.33 30.44 -14.92
CA ARG A 222 33.53 31.21 -15.22
C ARG A 222 33.72 31.47 -16.71
N GLU A 223 32.78 31.03 -17.56
CA GLU A 223 32.91 31.16 -19.00
C GLU A 223 31.82 31.99 -19.65
N VAL A 224 30.57 31.83 -19.22
CA VAL A 224 29.46 32.55 -19.81
C VAL A 224 29.12 33.76 -18.95
N LYS A 225 28.33 34.68 -19.50
CA LYS A 225 27.94 35.89 -18.80
C LYS A 225 26.58 35.79 -18.12
N SER A 226 25.74 34.82 -18.51
CA SER A 226 24.38 34.73 -17.98
C SER A 226 23.97 33.27 -17.80
N ILE A 227 23.50 32.94 -16.60
CA ILE A 227 22.98 31.62 -16.28
C ILE A 227 21.56 31.78 -15.75
N THR A 228 20.64 30.95 -16.25
CA THR A 228 19.25 30.96 -15.81
C THR A 228 18.92 29.65 -15.11
N ILE A 229 18.38 29.75 -13.90
CA ILE A 229 17.90 28.61 -13.13
C ILE A 229 16.39 28.54 -13.27
N ILE A 230 15.89 27.39 -13.69
CA ILE A 230 14.45 27.15 -13.79
C ILE A 230 14.05 26.23 -12.64
N GLY A 231 13.26 26.78 -11.71
CA GLY A 231 12.86 26.04 -10.53
C GLY A 231 13.01 26.87 -9.27
N GLY A 232 11.95 26.97 -8.49
CA GLY A 232 11.93 27.76 -7.27
C GLY A 232 12.09 26.96 -5.99
N GLY A 233 12.38 25.68 -6.07
CA GLY A 233 12.52 24.86 -4.89
C GLY A 233 13.82 25.14 -4.16
N PHE A 234 14.14 24.26 -3.21
CA PHE A 234 15.33 24.47 -2.39
C PHE A 234 16.60 24.37 -3.24
N LEU A 235 16.67 23.37 -4.13
CA LEU A 235 17.85 23.23 -4.98
C LEU A 235 18.04 24.47 -5.86
N GLY A 236 16.98 24.89 -6.56
CA GLY A 236 17.10 26.05 -7.42
C GLY A 236 17.50 27.29 -6.64
N SER A 237 16.93 27.47 -5.45
CA SER A 237 17.20 28.67 -4.68
C SER A 237 18.61 28.65 -4.09
N GLU A 238 19.08 27.47 -3.68
CA GLU A 238 20.46 27.36 -3.21
C GLU A 238 21.45 27.66 -4.33
N LEU A 239 21.20 27.08 -5.51
CA LEU A 239 22.09 27.34 -6.64
C LEU A 239 22.07 28.80 -7.06
N ALA A 240 20.90 29.46 -6.96
CA ALA A 240 20.84 30.88 -7.29
C ALA A 240 21.71 31.70 -6.35
N CYS A 241 21.66 31.39 -5.04
CA CYS A 241 22.50 32.10 -4.09
C CYS A 241 23.97 31.77 -4.30
N ALA A 242 24.29 30.53 -4.69
CA ALA A 242 25.69 30.17 -4.94
C ALA A 242 26.22 30.86 -6.19
N LEU A 243 25.49 30.73 -7.29
CA LEU A 243 25.91 31.40 -8.52
C LEU A 243 25.86 32.91 -8.37
N GLY A 244 24.93 33.42 -7.57
CA GLY A 244 24.87 34.86 -7.32
C GLY A 244 26.14 35.35 -6.64
N ARG A 245 26.66 34.58 -5.67
CA ARG A 245 27.90 34.97 -5.03
C ARG A 245 29.04 34.99 -6.05
N LYS A 246 29.16 33.92 -6.84
CA LYS A 246 30.21 33.86 -7.85
C LYS A 246 30.06 34.96 -8.89
N ALA A 247 28.82 35.35 -9.20
CA ALA A 247 28.60 36.33 -10.27
C ALA A 247 28.87 37.75 -9.82
N ARG A 248 28.76 38.04 -8.52
CA ARG A 248 29.05 39.38 -8.05
C ARG A 248 30.53 39.71 -8.21
N ALA A 249 31.40 38.71 -8.02
CA ALA A 249 32.83 38.94 -8.17
C ALA A 249 33.26 39.02 -9.63
N LEU A 250 32.57 38.30 -10.52
CA LEU A 250 32.90 38.30 -11.94
C LEU A 250 32.10 39.33 -12.74
N GLY A 251 31.08 39.94 -12.14
CA GLY A 251 30.25 40.89 -12.84
C GLY A 251 29.29 40.27 -13.84
N THR A 252 28.83 39.05 -13.59
CA THR A 252 27.96 38.32 -14.50
C THR A 252 26.53 38.32 -13.99
N GLU A 253 25.64 37.65 -14.73
CA GLU A 253 24.21 37.66 -14.48
C GLU A 253 23.72 36.29 -14.04
N VAL A 254 22.79 36.28 -13.09
CA VAL A 254 22.13 35.06 -12.63
C VAL A 254 20.64 35.32 -12.57
N ILE A 255 19.85 34.46 -13.22
CA ILE A 255 18.40 34.59 -13.27
C ILE A 255 17.77 33.34 -12.68
N GLN A 256 16.72 33.51 -11.89
CA GLN A 256 15.91 32.41 -11.38
C GLN A 256 14.45 32.71 -11.66
N LEU A 257 13.79 31.82 -12.40
CA LEU A 257 12.37 31.94 -12.70
C LEU A 257 11.65 30.66 -12.31
N PHE A 258 10.39 30.81 -11.91
CA PHE A 258 9.58 29.68 -11.48
C PHE A 258 8.12 30.09 -11.56
N PRO A 259 7.19 29.12 -11.63
CA PRO A 259 5.76 29.49 -11.77
C PRO A 259 5.13 30.01 -10.49
N GLU A 260 5.68 29.67 -9.32
CA GLU A 260 5.07 30.09 -8.06
C GLU A 260 5.23 31.61 -7.88
N LYS A 261 4.55 32.13 -6.86
CA LYS A 261 4.62 33.55 -6.54
C LYS A 261 5.91 33.93 -5.82
N GLY A 262 6.62 32.96 -5.26
CA GLY A 262 7.86 33.25 -4.57
C GLY A 262 8.65 31.99 -4.34
N ASN A 263 9.90 32.18 -3.93
CA ASN A 263 10.77 31.04 -3.68
C ASN A 263 10.16 30.13 -2.63
N MET A 264 10.30 28.83 -2.84
CA MET A 264 9.82 27.82 -1.91
C MET A 264 8.31 27.94 -1.68
N GLY A 265 7.57 28.36 -2.70
CA GLY A 265 6.16 28.62 -2.53
C GLY A 265 5.33 27.40 -2.22
N LYS A 266 5.79 26.22 -2.65
CA LYS A 266 5.08 24.98 -2.36
C LYS A 266 5.39 24.44 -0.97
N ILE A 267 6.36 25.03 -0.27
CA ILE A 267 6.81 24.54 1.03
C ILE A 267 6.49 25.55 2.13
N LEU A 268 6.82 26.83 1.91
CA LEU A 268 6.65 27.87 2.91
C LEU A 268 5.37 28.65 2.66
N PRO A 269 4.76 29.22 3.70
CA PRO A 269 3.62 30.10 3.47
C PRO A 269 4.03 31.31 2.65
N GLU A 270 3.03 32.00 2.11
CA GLU A 270 3.32 33.07 1.15
C GLU A 270 4.14 34.19 1.77
N TYR A 271 3.79 34.60 2.99
CA TYR A 271 4.50 35.72 3.60
C TYR A 271 5.98 35.40 3.78
N LEU A 272 6.31 34.16 4.12
CA LEU A 272 7.71 33.79 4.28
C LEU A 272 8.37 33.48 2.95
N SER A 273 7.61 32.94 1.98
CA SER A 273 8.14 32.75 0.64
C SER A 273 8.54 34.08 0.02
N ASN A 274 7.76 35.13 0.25
CA ASN A 274 8.09 36.44 -0.32
C ASN A 274 9.30 37.04 0.37
N TRP A 275 9.40 36.89 1.70
CA TRP A 275 10.61 37.30 2.40
C TRP A 275 11.84 36.58 1.85
N THR A 276 11.70 35.29 1.55
CA THR A 276 12.83 34.53 1.01
C THR A 276 13.20 35.03 -0.38
N MET A 277 12.21 35.38 -1.21
CA MET A 277 12.50 35.86 -2.55
C MET A 277 13.35 37.12 -2.49
N GLU A 278 13.03 38.03 -1.58
CA GLU A 278 13.81 39.26 -1.47
C GLU A 278 15.25 38.98 -1.07
N LYS A 279 15.45 37.99 -0.18
CA LYS A 279 16.82 37.65 0.21
C LYS A 279 17.62 37.08 -0.96
N VAL A 280 16.99 36.24 -1.78
CA VAL A 280 17.69 35.71 -2.95
C VAL A 280 18.02 36.83 -3.92
N ARG A 281 17.08 37.78 -4.10
CA ARG A 281 17.34 38.91 -4.98
C ARG A 281 18.54 39.72 -4.50
N ARG A 282 18.69 39.87 -3.18
CA ARG A 282 19.79 40.63 -2.63
C ARG A 282 21.11 39.86 -2.66
N GLU A 283 21.10 38.58 -3.04
CA GLU A 283 22.33 37.84 -3.29
C GLU A 283 22.84 38.04 -4.72
N GLY A 284 22.25 38.98 -5.47
CA GLY A 284 22.66 39.22 -6.84
C GLY A 284 21.91 38.44 -7.89
N VAL A 285 20.69 37.99 -7.59
CA VAL A 285 19.91 37.16 -8.50
C VAL A 285 18.71 37.96 -9.00
N LYS A 286 18.42 37.82 -10.30
CA LYS A 286 17.22 38.38 -10.89
C LYS A 286 16.13 37.31 -10.83
N VAL A 287 15.23 37.44 -9.86
CA VAL A 287 14.19 36.43 -9.62
C VAL A 287 12.92 36.84 -10.35
N MET A 288 12.42 35.94 -11.19
CA MET A 288 11.21 36.17 -11.99
C MET A 288 10.12 35.22 -11.51
N PRO A 289 9.31 35.60 -10.52
CA PRO A 289 8.19 34.74 -10.11
C PRO A 289 7.08 34.75 -11.16
N ASN A 290 6.11 33.86 -10.96
CA ASN A 290 4.93 33.78 -11.81
C ASN A 290 5.30 33.53 -13.27
N ALA A 291 6.39 32.81 -13.51
CA ALA A 291 6.90 32.56 -14.85
C ALA A 291 6.70 31.10 -15.21
N ILE A 292 6.00 30.85 -16.31
CA ILE A 292 5.78 29.50 -16.84
C ILE A 292 6.47 29.42 -18.20
N VAL A 293 7.41 28.49 -18.33
CA VAL A 293 8.16 28.37 -19.59
C VAL A 293 7.26 27.76 -20.66
N GLN A 294 7.16 28.45 -21.79
CA GLN A 294 6.42 27.96 -22.95
C GLN A 294 7.32 27.28 -23.97
N SER A 295 8.49 27.84 -24.24
CA SER A 295 9.40 27.29 -25.23
C SER A 295 10.81 27.78 -24.94
N VAL A 296 11.79 27.10 -25.53
CA VAL A 296 13.19 27.48 -25.43
C VAL A 296 13.83 27.30 -26.79
N GLY A 297 14.56 28.32 -27.25
CA GLY A 297 15.23 28.26 -28.53
C GLY A 297 16.57 28.96 -28.48
N VAL A 298 17.24 28.96 -29.63
CA VAL A 298 18.55 29.58 -29.81
C VAL A 298 18.40 30.73 -30.80
N SER A 299 18.88 31.91 -30.41
CA SER A 299 18.79 33.08 -31.27
C SER A 299 20.17 33.50 -31.75
N SER A 300 20.69 34.60 -31.22
CA SER A 300 22.01 35.10 -31.60
C SER A 300 23.10 34.31 -30.87
N GLY A 301 23.05 32.99 -31.03
CA GLY A 301 23.92 32.09 -30.29
C GLY A 301 23.54 31.93 -28.83
N LYS A 302 22.61 32.73 -28.33
CA LYS A 302 22.15 32.68 -26.95
C LYS A 302 20.86 31.90 -26.85
N LEU A 303 20.60 31.37 -25.66
CA LEU A 303 19.34 30.69 -25.39
C LEU A 303 18.25 31.73 -25.15
N LEU A 304 17.09 31.50 -25.75
CA LEU A 304 15.93 32.38 -25.61
C LEU A 304 14.79 31.60 -24.98
N ILE A 305 14.38 32.03 -23.79
CA ILE A 305 13.29 31.40 -23.05
C ILE A 305 12.04 32.25 -23.24
N LYS A 306 10.99 31.64 -23.77
CA LYS A 306 9.71 32.31 -23.96
C LYS A 306 8.75 31.86 -22.86
N LEU A 307 8.19 32.83 -22.15
CA LEU A 307 7.24 32.56 -21.07
C LEU A 307 5.81 32.69 -21.58
N LYS A 308 4.89 32.04 -20.88
CA LYS A 308 3.50 32.04 -21.30
C LYS A 308 2.89 33.44 -21.20
N ASP A 309 3.36 34.27 -20.27
CA ASP A 309 2.80 35.59 -20.07
C ASP A 309 3.38 36.62 -21.03
N GLY A 310 4.25 36.21 -21.96
CA GLY A 310 4.77 37.09 -22.99
C GLY A 310 6.20 37.53 -22.76
N ARG A 311 6.71 37.40 -21.53
CA ARG A 311 8.08 37.83 -21.26
C ARG A 311 9.07 36.88 -21.93
N LYS A 312 10.26 37.40 -22.20
CA LYS A 312 11.32 36.65 -22.84
C LYS A 312 12.63 36.88 -22.10
N VAL A 313 13.39 35.82 -21.91
CA VAL A 313 14.66 35.86 -21.17
C VAL A 313 15.75 35.32 -22.07
N GLU A 314 16.79 36.12 -22.29
CA GLU A 314 17.97 35.70 -23.05
C GLU A 314 19.07 35.32 -22.07
N THR A 315 19.70 34.17 -22.32
CA THR A 315 20.71 33.66 -21.39
C THR A 315 21.64 32.72 -22.16
N ASP A 316 22.76 32.38 -21.50
CA ASP A 316 23.79 31.54 -22.10
C ASP A 316 23.71 30.08 -21.66
N HIS A 317 23.25 29.81 -20.45
CA HIS A 317 23.16 28.46 -19.93
C HIS A 317 21.94 28.35 -19.04
N ILE A 318 21.32 27.17 -19.04
CA ILE A 318 20.13 26.90 -18.25
C ILE A 318 20.44 25.77 -17.27
N VAL A 319 19.95 25.93 -16.03
CA VAL A 319 19.99 24.87 -15.03
C VAL A 319 18.55 24.58 -14.64
N ALA A 320 18.11 23.34 -14.87
CA ALA A 320 16.76 22.92 -14.55
C ALA A 320 16.77 22.21 -13.20
N ALA A 321 16.07 22.80 -12.24
CA ALA A 321 15.90 22.22 -10.90
C ALA A 321 14.39 22.07 -10.66
N VAL A 322 13.80 21.07 -11.32
CA VAL A 322 12.34 20.93 -11.33
C VAL A 322 11.93 19.56 -10.82
N GLY A 323 12.59 19.07 -9.78
CA GLY A 323 12.13 17.89 -9.08
C GLY A 323 12.87 16.63 -9.47
N LEU A 324 12.28 15.50 -9.04
CA LEU A 324 12.96 14.22 -9.04
C LEU A 324 11.97 13.11 -9.35
N GLU A 325 12.43 12.09 -10.07
CA GLU A 325 11.64 10.89 -10.33
C GLU A 325 12.31 9.69 -9.66
N PRO A 326 11.60 8.94 -8.81
CA PRO A 326 12.23 7.77 -8.18
C PRO A 326 12.68 6.76 -9.23
N ASN A 327 13.85 6.17 -9.00
CA ASN A 327 14.39 5.14 -9.89
C ASN A 327 13.77 3.80 -9.50
N VAL A 328 12.69 3.44 -10.19
CA VAL A 328 11.92 2.23 -9.89
C VAL A 328 11.99 1.23 -11.04
N GLU A 329 13.01 1.34 -11.90
CA GLU A 329 13.12 0.44 -13.05
C GLU A 329 13.15 -1.02 -12.62
N LEU A 330 13.74 -1.32 -11.46
CA LEU A 330 13.87 -2.70 -11.04
C LEU A 330 12.56 -3.31 -10.56
N ALA A 331 11.51 -2.50 -10.35
CA ALA A 331 10.23 -3.06 -9.93
C ALA A 331 9.63 -3.96 -10.98
N LYS A 332 9.93 -3.71 -12.26
CA LYS A 332 9.36 -4.51 -13.34
C LYS A 332 9.81 -5.96 -13.24
N THR A 333 11.10 -6.21 -13.44
CA THR A 333 11.61 -7.58 -13.37
C THR A 333 11.35 -8.19 -12.00
N GLY A 334 11.44 -7.39 -10.94
CA GLY A 334 11.27 -7.91 -9.60
C GLY A 334 9.85 -8.16 -9.17
N GLY A 335 8.86 -7.69 -9.94
CA GLY A 335 7.48 -7.82 -9.50
C GLY A 335 7.19 -7.08 -8.22
N LEU A 336 7.85 -5.95 -7.99
CA LEU A 336 7.67 -5.15 -6.79
C LEU A 336 6.61 -4.08 -7.02
N GLU A 337 5.87 -3.78 -5.97
CA GLU A 337 4.77 -2.82 -6.07
C GLU A 337 5.31 -1.39 -6.06
N ILE A 338 4.76 -0.57 -6.95
CA ILE A 338 5.05 0.85 -6.99
C ILE A 338 3.85 1.58 -6.39
N ASP A 339 4.11 2.72 -5.75
CA ASP A 339 3.03 3.51 -5.18
C ASP A 339 2.57 4.54 -6.21
N SER A 340 1.28 4.48 -6.57
CA SER A 340 0.75 5.37 -7.59
C SER A 340 0.60 6.80 -7.08
N ASP A 341 0.40 6.99 -5.77
CA ASP A 341 0.16 8.32 -5.23
C ASP A 341 1.45 9.10 -5.06
N PHE A 342 2.45 8.50 -4.42
CA PHE A 342 3.70 9.18 -4.11
C PHE A 342 4.84 8.78 -5.01
N GLY A 343 4.67 7.75 -5.83
CA GLY A 343 5.78 7.19 -6.58
C GLY A 343 6.70 6.38 -5.69
N GLY A 344 7.64 5.66 -6.28
CA GLY A 344 8.62 4.90 -5.52
C GLY A 344 8.15 3.51 -5.15
N PHE A 345 9.06 2.73 -4.59
CA PHE A 345 8.75 1.38 -4.13
C PHE A 345 7.86 1.45 -2.89
N ARG A 346 6.73 0.75 -2.92
CA ARG A 346 5.84 0.70 -1.78
C ARG A 346 6.37 -0.31 -0.76
N VAL A 347 6.69 0.17 0.45
CA VAL A 347 7.17 -0.67 1.54
C VAL A 347 6.36 -0.32 2.78
N ASN A 348 6.52 -1.15 3.81
CA ASN A 348 5.76 -1.00 5.04
C ASN A 348 6.54 -0.14 6.03
N ALA A 349 6.12 -0.16 7.30
CA ALA A 349 6.72 0.71 8.30
C ALA A 349 8.18 0.32 8.57
N GLU A 350 8.54 -0.94 8.37
CA GLU A 350 9.90 -1.41 8.57
C GLU A 350 10.75 -1.25 7.32
N LEU A 351 10.24 -0.57 6.30
CA LEU A 351 10.92 -0.36 5.03
C LEU A 351 11.08 -1.63 4.22
N GLN A 352 10.30 -2.67 4.54
CA GLN A 352 10.43 -3.96 3.89
C GLN A 352 9.42 -4.07 2.74
N ALA A 353 9.89 -4.61 1.62
CA ALA A 353 9.06 -4.87 0.45
C ALA A 353 8.68 -6.34 0.34
N ARG A 354 9.66 -7.23 0.46
CA ARG A 354 9.44 -8.67 0.46
C ARG A 354 10.35 -9.29 1.51
N SER A 355 10.32 -10.62 1.60
CA SER A 355 10.96 -11.32 2.72
C SER A 355 12.42 -10.91 2.91
N ASN A 356 13.19 -10.77 1.84
CA ASN A 356 14.61 -10.47 1.95
C ASN A 356 15.00 -9.18 1.23
N ILE A 357 14.05 -8.25 1.07
CA ILE A 357 14.28 -7.04 0.29
C ILE A 357 13.70 -5.85 1.04
N TRP A 358 14.52 -4.83 1.26
CA TRP A 358 14.11 -3.56 1.84
C TRP A 358 14.40 -2.43 0.85
N VAL A 359 13.81 -1.26 1.11
CA VAL A 359 14.01 -0.06 0.30
C VAL A 359 14.20 1.12 1.23
N ALA A 360 15.14 2.00 0.90
CA ALA A 360 15.42 3.17 1.71
C ALA A 360 15.72 4.36 0.82
N GLY A 361 15.72 5.55 1.42
CA GLY A 361 16.11 6.76 0.71
C GLY A 361 14.99 7.36 -0.12
N ASP A 362 15.40 8.16 -1.12
CA ASP A 362 14.45 8.87 -1.98
C ASP A 362 13.46 7.91 -2.64
N ALA A 363 13.90 6.67 -2.91
CA ALA A 363 13.08 5.74 -3.67
C ALA A 363 12.03 5.02 -2.83
N ALA A 364 12.02 5.23 -1.51
CA ALA A 364 11.15 4.46 -0.63
C ALA A 364 9.87 5.19 -0.25
N PHE A 366 7.09 4.66 2.07
CA PHE A 366 6.93 3.85 3.29
C PHE A 366 5.70 4.28 4.09
N TYR A 367 5.31 3.44 5.04
CA TYR A 367 4.20 3.75 5.93
C TYR A 367 4.75 4.34 7.22
N ASP A 368 4.35 5.58 7.51
CA ASP A 368 4.67 6.22 8.77
C ASP A 368 3.51 5.99 9.73
N ILE A 369 3.77 5.25 10.81
CA ILE A 369 2.70 4.88 11.72
C ILE A 369 2.07 6.11 12.37
N LYS A 370 2.78 7.23 12.43
CA LYS A 370 2.24 8.44 13.04
C LYS A 370 1.71 9.44 12.01
N LEU A 371 2.37 9.57 10.86
CA LEU A 371 2.04 10.61 9.90
C LEU A 371 1.39 10.09 8.63
N GLY A 372 1.28 8.77 8.45
CA GLY A 372 0.71 8.19 7.26
C GLY A 372 1.75 7.85 6.21
N ARG A 373 1.27 7.31 5.10
CA ARG A 373 2.16 6.88 4.02
C ARG A 373 2.80 8.09 3.35
N ARG A 374 4.12 8.01 3.16
CA ARG A 374 4.91 9.13 2.67
C ARG A 374 6.03 8.64 1.77
N ARG A 375 6.60 9.57 1.02
CA ARG A 375 7.92 9.37 0.41
C ARG A 375 8.71 10.66 0.59
N VAL A 376 9.88 10.55 1.20
CA VAL A 376 10.69 11.70 1.58
C VAL A 376 11.99 11.67 0.79
N GLU A 377 12.44 12.85 0.36
CA GLU A 377 13.65 12.98 -0.43
C GLU A 377 14.64 13.95 0.24
N HIS A 378 15.08 13.61 1.45
CA HIS A 378 16.00 14.44 2.22
C HIS A 378 17.23 13.66 2.61
N HIS A 379 18.35 14.37 2.75
CA HIS A 379 19.61 13.73 3.11
C HIS A 379 19.49 12.95 4.41
N ASP A 380 18.99 13.61 5.47
CA ASP A 380 18.89 12.94 6.75
C ASP A 380 17.92 11.78 6.70
N HIS A 381 16.88 11.87 5.87
CA HIS A 381 15.97 10.74 5.74
C HIS A 381 16.66 9.55 5.11
N ALA A 382 17.56 9.79 4.14
CA ALA A 382 18.33 8.70 3.56
C ALA A 382 19.23 8.06 4.61
N VAL A 383 19.82 8.88 5.49
CA VAL A 383 20.64 8.33 6.57
C VAL A 383 19.79 7.55 7.56
N VAL A 384 18.68 8.15 8.00
CA VAL A 384 17.85 7.50 9.01
C VAL A 384 17.21 6.25 8.45
N SER A 385 16.62 6.33 7.26
CA SER A 385 15.94 5.17 6.70
C SER A 385 16.95 4.11 6.25
N GLY A 386 18.11 4.53 5.74
CA GLY A 386 19.15 3.56 5.42
C GLY A 386 19.67 2.85 6.65
N ARG A 387 19.92 3.61 7.72
CA ARG A 387 20.35 3.01 8.98
C ARG A 387 19.29 2.06 9.52
N LEU A 388 18.02 2.47 9.45
CA LEU A 388 16.94 1.62 9.91
C LEU A 388 16.85 0.34 9.10
N ALA A 389 16.89 0.46 7.77
CA ALA A 389 16.88 -0.73 6.92
C ALA A 389 18.03 -1.66 7.27
N GLY A 390 19.23 -1.11 7.46
CA GLY A 390 20.37 -1.93 7.84
C GLY A 390 20.11 -2.73 9.11
N GLU A 391 19.55 -2.09 10.13
CA GLU A 391 19.24 -2.80 11.37
C GLU A 391 18.20 -3.88 11.12
N ASN A 392 17.18 -3.59 10.32
CA ASN A 392 16.16 -4.59 10.05
C ASN A 392 16.70 -5.72 9.19
N MET A 393 17.71 -5.47 8.37
CA MET A 393 18.34 -6.54 7.61
C MET A 393 19.14 -7.47 8.51
N THR A 394 19.39 -7.09 9.76
CA THR A 394 20.04 -7.95 10.73
C THR A 394 19.10 -8.33 11.87
N GLY A 395 17.79 -8.32 11.63
CA GLY A 395 16.81 -8.89 12.53
C GLY A 395 16.10 -7.92 13.47
N ALA A 396 16.24 -6.61 13.26
CA ALA A 396 15.72 -5.65 14.24
C ALA A 396 14.19 -5.57 14.21
N ALA A 397 13.59 -5.64 13.02
CA ALA A 397 12.15 -5.49 12.86
C ALA A 397 11.64 -4.20 13.51
N LYS A 398 12.32 -3.08 13.21
CA LYS A 398 11.95 -1.80 13.80
C LYS A 398 11.22 -0.91 12.80
N PRO A 399 10.15 -0.22 13.21
CA PRO A 399 9.46 0.69 12.30
C PRO A 399 10.07 2.08 12.29
N TYR A 400 9.84 2.78 11.18
CA TYR A 400 10.22 4.18 11.11
C TYR A 400 9.53 4.94 12.23
N TRP A 401 10.33 5.56 13.09
CA TRP A 401 9.80 6.14 14.33
C TRP A 401 10.49 7.46 14.60
N HIS A 402 11.82 7.44 14.67
CA HIS A 402 12.59 8.67 14.79
C HIS A 402 12.44 9.48 13.51
N GLN A 403 11.76 10.63 13.61
CA GLN A 403 11.53 11.43 12.41
C GLN A 403 12.82 12.09 11.97
N SER A 404 13.04 12.12 10.66
CA SER A 404 14.20 12.76 10.09
C SER A 404 13.90 14.23 9.82
N MET A 405 14.93 15.05 9.90
CA MET A 405 14.84 16.48 9.65
C MET A 405 15.48 16.81 8.31
N PHE A 406 15.16 18.00 7.80
CA PHE A 406 15.91 18.52 6.66
C PHE A 406 16.21 19.98 6.92
N TRP A 407 17.14 20.50 6.12
CA TRP A 407 17.60 21.86 6.29
C TRP A 407 17.92 22.45 4.93
N SER A 408 17.99 23.77 4.91
CA SER A 408 18.43 24.51 3.74
C SER A 408 19.12 25.76 4.22
N ASP A 409 20.22 26.11 3.57
CA ASP A 409 20.95 27.34 3.83
C ASP A 409 20.95 28.14 2.54
N LEU A 410 20.51 29.39 2.61
CA LEU A 410 20.64 30.31 1.49
C LEU A 410 21.81 31.25 1.74
N GLY A 411 22.99 30.64 1.85
CA GLY A 411 24.19 31.33 2.27
C GLY A 411 24.41 31.13 3.76
N PRO A 412 25.47 31.74 4.30
CA PRO A 412 25.69 31.72 5.74
C PRO A 412 24.81 32.66 6.54
N ASP A 413 23.79 33.25 5.92
CA ASP A 413 22.92 34.25 6.55
C ASP A 413 21.55 33.70 6.89
N VAL A 414 20.87 33.08 5.92
CA VAL A 414 19.52 32.54 6.10
C VAL A 414 19.61 31.04 6.23
N GLY A 415 18.95 30.48 7.23
CA GLY A 415 18.95 29.05 7.45
C GLY A 415 17.61 28.50 7.87
N TYR A 416 17.19 27.40 7.24
CA TYR A 416 15.93 26.73 7.55
C TYR A 416 16.19 25.32 8.03
N GLU A 417 15.42 24.90 9.02
CA GLU A 417 15.33 23.51 9.42
C GLU A 417 13.85 23.12 9.45
N ALA A 418 13.57 21.85 9.19
CA ALA A 418 12.19 21.40 9.12
C ALA A 418 12.09 19.93 9.46
N ILE A 419 10.88 19.52 9.82
CA ILE A 419 10.64 18.15 10.27
C ILE A 419 9.15 17.88 10.13
N GLY A 420 8.81 16.66 9.71
CA GLY A 420 7.42 16.27 9.60
C GLY A 420 6.80 16.60 8.27
N LEU A 421 5.48 16.76 8.25
CA LEU A 421 4.73 17.02 7.03
C LEU A 421 4.71 18.53 6.80
N VAL A 422 5.56 18.99 5.89
CA VAL A 422 5.75 20.41 5.59
C VAL A 422 5.21 20.65 4.19
N ASP A 423 4.08 21.34 4.09
CA ASP A 423 3.42 21.57 2.82
C ASP A 423 2.62 22.85 2.92
N SER A 424 2.85 23.78 1.99
CA SER A 424 2.16 25.06 2.03
C SER A 424 0.65 24.90 1.88
N SER A 425 0.18 23.75 1.39
CA SER A 425 -1.26 23.53 1.28
C SER A 425 -1.89 23.29 2.65
N LEU A 426 -1.15 22.69 3.58
CA LEU A 426 -1.67 22.50 4.93
C LEU A 426 -1.83 23.86 5.62
N PRO A 427 -2.76 23.96 6.57
CA PRO A 427 -2.87 25.21 7.33
C PRO A 427 -1.64 25.41 8.20
N THR A 428 -1.22 26.66 8.33
CA THR A 428 0.01 27.01 9.02
C THR A 428 -0.22 28.12 10.01
N VAL A 429 0.61 28.14 11.06
CA VAL A 429 0.62 29.20 12.06
C VAL A 429 2.07 29.57 12.30
N GLY A 430 2.40 30.84 12.06
CA GLY A 430 3.77 31.31 12.20
C GLY A 430 3.95 32.32 13.32
N VAL A 431 4.86 32.03 14.24
CA VAL A 431 5.19 32.93 15.34
C VAL A 431 6.61 33.42 15.11
N PHE A 432 6.77 34.74 14.96
CA PHE A 432 8.05 35.32 14.60
C PHE A 432 8.50 36.34 15.64
N ALA A 433 9.78 36.67 15.59
CA ALA A 433 10.37 37.64 16.50
C ALA A 433 11.40 38.49 15.77
N GLY A 485 13.10 38.03 11.15
CA GLY A 485 14.33 37.32 10.87
C GLY A 485 14.48 36.03 11.66
N LYS A 486 13.40 35.58 12.29
CA LYS A 486 13.44 34.44 13.20
C LYS A 486 12.02 34.02 13.53
N GLY A 487 11.77 32.72 13.51
CA GLY A 487 10.43 32.24 13.85
C GLY A 487 10.28 30.75 13.61
N VAL A 488 9.07 30.28 13.93
CA VAL A 488 8.69 28.87 13.79
C VAL A 488 7.35 28.81 13.09
N ILE A 489 7.23 27.90 12.13
CA ILE A 489 6.00 27.69 11.37
C ILE A 489 5.43 26.33 11.77
N PHE A 490 4.21 26.33 12.29
CA PHE A 490 3.51 25.09 12.64
C PHE A 490 2.58 24.69 11.50
N TYR A 491 2.72 23.45 11.04
CA TYR A 491 1.87 22.89 10.00
C TYR A 491 0.88 21.93 10.64
N LEU A 492 -0.41 22.25 10.55
CA LEU A 492 -1.43 21.59 11.34
C LEU A 492 -2.21 20.58 10.50
N ARG A 493 -2.79 19.60 11.20
CA ARG A 493 -3.71 18.64 10.59
C ARG A 493 -4.58 18.08 11.70
N ASP A 494 -5.84 18.50 11.75
CA ASP A 494 -6.78 18.09 12.80
C ASP A 494 -6.35 18.63 14.17
N LYS A 495 -5.93 19.89 14.21
CA LYS A 495 -5.53 20.58 15.43
C LYS A 495 -4.29 19.98 16.07
N VAL A 496 -3.58 19.12 15.34
CA VAL A 496 -2.34 18.49 15.78
C VAL A 496 -1.20 18.97 14.90
N VAL A 497 -0.13 19.45 15.52
CA VAL A 497 1.03 19.87 14.74
C VAL A 497 1.63 18.62 14.09
N VAL A 498 1.70 18.62 12.76
CA VAL A 498 2.30 17.52 12.01
C VAL A 498 3.61 17.90 11.35
N GLY A 499 3.93 19.18 11.27
CA GLY A 499 5.18 19.61 10.69
C GLY A 499 5.60 20.95 11.27
N ILE A 500 6.91 21.16 11.32
CA ILE A 500 7.48 22.38 11.88
C ILE A 500 8.60 22.85 10.97
N VAL A 501 8.67 24.16 10.75
CA VAL A 501 9.78 24.80 10.06
C VAL A 501 10.41 25.79 11.04
N LEU A 502 11.70 25.60 11.31
CA LEU A 502 12.46 26.51 12.16
C LEU A 502 13.21 27.48 11.26
N TRP A 503 12.82 28.75 11.31
CA TRP A 503 13.40 29.80 10.48
C TRP A 503 14.45 30.54 11.30
N ASN A 504 15.72 30.33 10.97
CA ASN A 504 16.84 30.94 11.69
C ASN A 504 16.82 30.60 13.17
N ILE A 505 16.34 29.40 13.50
CA ILE A 505 16.39 28.86 14.86
C ILE A 505 17.10 27.52 14.79
N PHE A 506 18.19 27.38 15.55
CA PHE A 506 19.06 26.23 15.46
C PHE A 506 19.23 25.58 16.82
N ASN A 507 19.65 24.31 16.79
CA ASN A 507 19.91 23.54 18.01
C ASN A 507 18.64 23.31 18.82
N ARG A 508 17.49 23.26 18.15
CA ARG A 508 16.22 22.98 18.81
C ARG A 508 15.39 21.96 18.05
N MET A 509 16.02 21.18 17.17
CA MET A 509 15.29 20.14 16.46
C MET A 509 14.72 19.10 17.43
N PRO A 510 15.43 18.66 18.47
CA PRO A 510 14.80 17.72 19.41
C PRO A 510 13.51 18.24 20.00
N ILE A 511 13.37 19.55 20.16
CA ILE A 511 12.11 20.11 20.65
C ILE A 511 11.01 19.91 19.62
N ALA A 512 11.29 20.26 18.36
CA ALA A 512 10.31 20.06 17.30
C ALA A 512 9.94 18.59 17.16
N ARG A 513 10.92 17.70 17.26
CA ARG A 513 10.64 16.27 17.12
C ARG A 513 9.69 15.79 18.21
N LYS A 514 9.82 16.31 19.42
CA LYS A 514 8.95 15.88 20.51
C LYS A 514 7.54 16.42 20.34
N ILE A 515 7.40 17.68 19.90
CA ILE A 515 6.07 18.25 19.68
C ILE A 515 5.27 17.39 18.71
N ILE A 516 5.91 16.93 17.63
CA ILE A 516 5.20 16.15 16.62
C ILE A 516 4.93 14.74 17.12
N LYS A 517 5.88 14.15 17.84
CA LYS A 517 5.69 12.82 18.39
C LYS A 517 4.53 12.80 19.40
N ASP A 518 4.47 13.80 20.28
CA ASP A 518 3.46 13.80 21.33
C ASP A 518 2.05 13.80 20.76
N GLY A 519 1.85 14.37 19.58
CA GLY A 519 0.51 14.42 19.02
C GLY A 519 -0.44 15.23 19.85
N GLU A 520 0.08 16.15 20.66
CA GLU A 520 -0.76 16.93 21.55
C GLU A 520 -1.53 17.99 20.77
N GLN A 521 -2.64 18.43 21.33
CA GLN A 521 -3.37 19.57 20.80
C GLN A 521 -3.07 20.79 21.66
N HIS A 522 -3.05 21.96 21.01
CA HIS A 522 -2.63 23.19 21.66
C HIS A 522 -3.63 24.29 21.33
N GLU A 523 -4.11 24.97 22.37
CA GLU A 523 -4.98 26.11 22.19
C GLU A 523 -4.22 27.41 22.04
N ASP A 524 -2.96 27.46 22.52
CA ASP A 524 -2.10 28.62 22.41
C ASP A 524 -0.75 28.18 21.84
N LEU A 525 -0.62 28.19 20.51
CA LEU A 525 0.65 27.87 19.88
C LEU A 525 1.72 28.94 20.16
N ASN A 526 1.33 30.10 20.70
CA ASN A 526 2.33 31.08 21.14
C ASN A 526 3.10 30.56 22.34
N GLU A 527 2.48 29.73 23.18
CA GLU A 527 3.20 29.11 24.28
C GLU A 527 4.13 28.01 23.79
N VAL A 528 3.74 27.30 22.73
CA VAL A 528 4.65 26.34 22.13
C VAL A 528 5.83 27.05 21.49
N ALA A 529 5.61 28.25 20.94
CA ALA A 529 6.70 28.99 20.33
C ALA A 529 7.75 29.38 21.35
N LYS A 530 7.36 29.53 22.62
CA LYS A 530 8.33 29.86 23.67
C LYS A 530 9.36 28.75 23.84
N LEU A 531 8.99 27.51 23.52
CA LEU A 531 9.95 26.41 23.58
C LEU A 531 11.09 26.60 22.59
N PHE A 532 10.92 27.46 21.59
CA PHE A 532 11.98 27.78 20.64
C PHE A 532 12.57 29.17 20.90
N ASN A 533 12.40 29.69 22.12
CA ASN A 533 12.92 31.00 22.49
C ASN A 533 12.34 32.11 21.59
N ILE A 534 11.04 32.02 21.33
CA ILE A 534 10.32 33.05 20.57
C ILE A 534 9.31 33.67 21.51
N HIS A 535 9.55 34.92 21.90
CA HIS A 535 8.66 35.64 22.80
C HIS A 535 8.24 36.97 22.17
N VAL A 540 1.78 34.90 14.79
CA VAL A 540 0.89 36.03 14.54
C VAL A 540 0.22 35.88 13.17
N LEU A 541 0.96 35.34 12.19
CA LEU A 541 0.44 35.18 10.84
C LEU A 541 -0.23 33.82 10.69
N PHE A 542 -1.30 33.78 9.89
CA PHE A 542 -2.05 32.57 9.62
C PHE A 542 -2.15 32.35 8.12
N GLN A 543 -2.12 31.09 7.71
CA GLN A 543 -2.19 30.75 6.28
C GLN A 543 -2.29 29.24 6.08
N ALA B 52 -6.42 -20.47 29.11
CA ALA B 52 -5.78 -19.59 28.14
C ALA B 52 -4.31 -19.39 28.49
N PRO B 53 -3.40 -19.80 27.61
CA PRO B 53 -1.96 -19.65 27.90
C PRO B 53 -1.51 -18.21 27.87
N SER B 54 -0.32 -17.99 28.43
CA SER B 54 0.29 -16.67 28.46
C SER B 54 1.14 -16.39 27.23
N HIS B 55 1.69 -17.45 26.62
CA HIS B 55 2.52 -17.32 25.42
C HIS B 55 2.22 -18.50 24.51
N VAL B 56 2.16 -18.24 23.20
CA VAL B 56 1.94 -19.27 22.21
C VAL B 56 2.83 -18.99 20.99
N PRO B 57 3.42 -20.01 20.36
CA PRO B 57 4.22 -19.71 19.15
C PRO B 57 3.41 -19.12 18.02
N PHE B 58 2.27 -19.73 17.67
CA PHE B 58 1.44 -19.27 16.57
C PHE B 58 0.08 -18.84 17.12
N LEU B 59 -0.26 -17.57 16.93
CA LEU B 59 -1.54 -17.01 17.34
C LEU B 59 -2.32 -16.61 16.10
N LEU B 60 -3.52 -17.18 15.95
CA LEU B 60 -4.41 -16.86 14.85
C LEU B 60 -5.62 -16.11 15.40
N ILE B 61 -5.81 -14.87 14.95
CA ILE B 61 -6.88 -14.01 15.43
C ILE B 61 -8.08 -14.18 14.50
N GLY B 62 -9.18 -14.71 15.05
CA GLY B 62 -10.34 -15.03 14.25
C GLY B 62 -10.39 -16.52 13.99
N GLY B 63 -11.57 -17.12 14.10
CA GLY B 63 -11.69 -18.57 14.00
C GLY B 63 -12.54 -19.03 12.84
N GLY B 64 -12.26 -18.51 11.65
CA GLY B 64 -13.03 -18.88 10.47
C GLY B 64 -12.25 -19.73 9.49
N THR B 65 -12.59 -19.60 8.21
CA THR B 65 -11.99 -20.45 7.19
C THR B 65 -10.50 -20.18 7.03
N ALA B 66 -10.10 -18.90 6.95
CA ALA B 66 -8.69 -18.58 6.76
C ALA B 66 -7.86 -19.04 7.93
N ALA B 67 -8.35 -18.84 9.16
CA ALA B 67 -7.61 -19.27 10.34
C ALA B 67 -7.43 -20.77 10.38
N PHE B 68 -8.50 -21.52 10.06
CA PHE B 68 -8.37 -22.98 10.12
C PHE B 68 -7.40 -23.49 9.07
N ALA B 69 -7.46 -22.95 7.86
CA ALA B 69 -6.54 -23.40 6.82
C ALA B 69 -5.10 -23.10 7.20
N ALA B 70 -4.86 -21.96 7.86
CA ALA B 70 -3.51 -21.63 8.31
C ALA B 70 -3.04 -22.59 9.38
N ALA B 71 -3.91 -22.94 10.32
CA ALA B 71 -3.53 -23.89 11.37
C ALA B 71 -3.12 -25.23 10.79
N ARG B 72 -3.89 -25.74 9.83
CA ARG B 72 -3.53 -27.00 9.18
C ARG B 72 -2.21 -26.85 8.43
N SER B 73 -2.02 -25.72 7.74
CA SER B 73 -0.78 -25.50 7.00
C SER B 73 0.41 -25.47 7.94
N ILE B 74 0.29 -24.74 9.05
CA ILE B 74 1.37 -24.66 10.03
C ILE B 74 1.71 -26.05 10.57
N ARG B 75 0.67 -26.79 10.98
CA ARG B 75 0.89 -28.12 11.53
C ARG B 75 1.53 -29.06 10.52
N ALA B 76 1.20 -28.90 9.24
CA ALA B 76 1.76 -29.79 8.23
C ALA B 76 3.23 -29.50 7.99
N ARG B 77 3.63 -28.23 8.01
CA ARG B 77 5.03 -27.89 7.77
C ARG B 77 5.87 -27.95 9.03
N ASP B 78 5.26 -27.74 10.20
CA ASP B 78 5.97 -27.75 11.48
C ASP B 78 5.25 -28.73 12.39
N PRO B 79 5.48 -30.03 12.21
CA PRO B 79 4.90 -31.02 13.13
C PRO B 79 5.29 -30.67 14.56
N GLY B 80 4.35 -30.81 15.48
CA GLY B 80 4.59 -30.38 16.84
C GLY B 80 4.36 -28.90 17.08
N ALA B 81 3.93 -28.14 16.07
CA ALA B 81 3.62 -26.75 16.27
C ALA B 81 2.51 -26.60 17.31
N ARG B 82 2.52 -25.47 18.01
CA ARG B 82 1.50 -25.14 19.00
C ARG B 82 0.76 -23.90 18.51
N VAL B 83 -0.48 -24.09 18.07
CA VAL B 83 -1.25 -23.06 17.40
C VAL B 83 -2.49 -22.75 18.24
N LEU B 84 -2.69 -21.48 18.55
CA LEU B 84 -3.87 -21.03 19.29
C LEU B 84 -4.71 -20.14 18.38
N ILE B 85 -5.97 -20.53 18.20
CA ILE B 85 -6.96 -19.72 17.52
C ILE B 85 -7.80 -19.01 18.57
N VAL B 86 -7.96 -17.70 18.42
CA VAL B 86 -8.82 -16.90 19.30
C VAL B 86 -10.01 -16.45 18.48
N SER B 87 -11.21 -16.90 18.88
CA SER B 87 -12.43 -16.67 18.12
C SER B 87 -13.48 -16.05 19.03
N GLU B 88 -14.04 -14.92 18.59
CA GLU B 88 -15.10 -14.28 19.36
C GLU B 88 -16.39 -15.08 19.31
N ASP B 89 -16.59 -15.88 18.27
CA ASP B 89 -17.79 -16.70 18.18
C ASP B 89 -17.71 -17.86 19.18
N PRO B 90 -18.86 -18.35 19.64
CA PRO B 90 -18.85 -19.52 20.53
C PRO B 90 -18.64 -20.83 19.80
N GLU B 91 -18.69 -20.83 18.47
CA GLU B 91 -18.61 -22.04 17.68
C GLU B 91 -17.16 -22.32 17.26
N LEU B 92 -16.84 -23.60 17.07
CA LEU B 92 -15.57 -23.96 16.49
C LEU B 92 -15.58 -23.63 14.99
N PRO B 93 -14.40 -23.56 14.37
CA PRO B 93 -14.33 -23.14 12.96
C PRO B 93 -15.25 -23.95 12.06
N TYR B 94 -16.00 -23.25 11.22
CA TYR B 94 -16.94 -23.88 10.31
C TYR B 94 -17.00 -23.10 9.01
N MET B 95 -17.46 -23.78 7.96
CA MET B 95 -17.63 -23.19 6.64
C MET B 95 -19.01 -22.55 6.54
N ARG B 96 -19.08 -21.46 5.79
CA ARG B 96 -20.30 -20.66 5.72
C ARG B 96 -21.18 -20.97 4.49
N PRO B 97 -20.64 -21.39 3.35
CA PRO B 97 -21.47 -21.55 2.15
C PRO B 97 -22.72 -22.36 2.41
N PRO B 98 -22.67 -23.44 3.18
CA PRO B 98 -23.90 -24.23 3.41
C PRO B 98 -24.99 -23.43 4.09
N LEU B 99 -24.66 -22.32 4.77
CA LEU B 99 -25.65 -21.57 5.52
C LEU B 99 -26.71 -20.94 4.61
N SER B 100 -26.37 -20.68 3.35
CA SER B 100 -27.32 -20.11 2.40
C SER B 100 -27.73 -21.11 1.32
N LYS B 101 -27.29 -22.36 1.43
CA LYS B 101 -27.57 -23.34 0.39
C LYS B 101 -27.98 -24.70 0.98
N GLU B 102 -27.04 -25.64 1.08
CA GLU B 102 -27.41 -27.03 1.33
C GLU B 102 -28.22 -27.20 2.62
N LEU B 103 -27.95 -26.38 3.64
CA LEU B 103 -28.66 -26.55 4.90
C LEU B 103 -30.15 -26.26 4.78
N TRP B 104 -30.57 -25.51 3.76
CA TRP B 104 -31.98 -25.21 3.53
C TRP B 104 -32.69 -26.28 2.71
N PHE B 105 -31.94 -27.14 2.02
CA PHE B 105 -32.52 -28.17 1.16
C PHE B 105 -32.49 -29.55 1.81
N SER B 106 -32.41 -29.61 3.14
CA SER B 106 -32.31 -30.87 3.85
C SER B 106 -33.70 -31.43 4.15
N ASP B 107 -33.82 -32.75 4.06
CA ASP B 107 -35.07 -33.42 4.42
C ASP B 107 -35.20 -33.57 5.94
N ASP B 108 -34.08 -33.64 6.64
CA ASP B 108 -34.09 -33.81 8.09
C ASP B 108 -34.59 -32.55 8.79
N PRO B 109 -35.63 -32.62 9.63
CA PRO B 109 -36.05 -31.43 10.38
C PRO B 109 -35.14 -31.10 11.56
N ASN B 110 -34.20 -31.97 11.90
CA ASN B 110 -33.20 -31.68 12.93
C ASN B 110 -31.94 -31.02 12.35
N VAL B 111 -31.97 -30.60 11.08
CA VAL B 111 -30.80 -30.00 10.47
C VAL B 111 -30.35 -28.77 11.24
N THR B 112 -31.30 -28.04 11.83
CA THR B 112 -30.94 -26.85 12.61
C THR B 112 -30.11 -27.22 13.83
N LYS B 113 -30.28 -28.43 14.35
CA LYS B 113 -29.51 -28.87 15.51
C LYS B 113 -28.22 -29.56 15.11
N THR B 114 -28.30 -30.51 14.16
CA THR B 114 -27.10 -31.27 13.78
C THR B 114 -26.14 -30.42 12.97
N LEU B 115 -26.65 -29.44 12.22
CA LEU B 115 -25.83 -28.66 11.29
C LEU B 115 -25.06 -29.58 10.34
N ARG B 116 -25.65 -30.72 10.03
CA ARG B 116 -25.14 -31.60 8.99
C ARG B 116 -26.01 -31.44 7.75
N PHE B 117 -25.37 -31.55 6.58
CA PHE B 117 -26.07 -31.34 5.33
C PHE B 117 -25.56 -32.34 4.30
N LYS B 118 -26.41 -32.63 3.33
CA LYS B 118 -26.09 -33.50 2.21
C LYS B 118 -25.71 -32.65 1.01
N GLN B 119 -24.56 -32.93 0.42
CA GLN B 119 -24.22 -32.25 -0.82
C GLN B 119 -25.28 -32.54 -1.88
N TRP B 120 -25.26 -31.78 -2.96
CA TRP B 120 -26.20 -32.05 -4.04
C TRP B 120 -26.07 -33.48 -4.56
N ASN B 121 -24.92 -34.13 -4.33
CA ASN B 121 -24.74 -35.53 -4.71
C ASN B 121 -25.27 -36.50 -3.67
N GLY B 122 -25.62 -36.02 -2.47
CA GLY B 122 -26.19 -36.85 -1.42
C GLY B 122 -25.25 -37.18 -0.28
N LYS B 123 -23.94 -37.04 -0.47
CA LYS B 123 -23.00 -37.33 0.61
C LYS B 123 -23.26 -36.39 1.79
N GLU B 124 -23.36 -36.97 2.99
CA GLU B 124 -23.58 -36.20 4.20
C GLU B 124 -22.25 -35.70 4.76
N ARG B 125 -22.29 -34.52 5.37
CA ARG B 125 -21.07 -33.90 5.88
C ARG B 125 -21.44 -32.85 6.93
N SER B 126 -20.46 -32.52 7.77
CA SER B 126 -20.65 -31.54 8.83
C SER B 126 -20.22 -30.15 8.35
N ILE B 127 -20.85 -29.12 8.94
CA ILE B 127 -20.46 -27.75 8.64
C ILE B 127 -19.12 -27.40 9.28
N TYR B 128 -18.74 -28.10 10.34
CA TYR B 128 -17.47 -27.84 11.00
C TYR B 128 -16.33 -28.45 10.21
N PHE B 129 -15.19 -27.76 10.22
CA PHE B 129 -14.03 -28.27 9.49
C PHE B 129 -13.50 -29.56 10.12
N GLN B 130 -13.55 -29.67 11.44
CA GLN B 130 -13.07 -30.83 12.17
C GLN B 130 -13.97 -31.10 13.35
N PRO B 131 -14.05 -32.35 13.82
CA PRO B 131 -14.79 -32.61 15.05
C PRO B 131 -14.06 -32.03 16.24
N PRO B 132 -14.76 -31.70 17.34
CA PRO B 132 -14.09 -31.11 18.50
C PRO B 132 -12.92 -31.93 19.01
N SER B 133 -12.99 -33.26 18.92
CA SER B 133 -11.90 -34.10 19.40
C SER B 133 -10.59 -33.82 18.70
N PHE B 134 -10.64 -33.23 17.51
CA PHE B 134 -9.44 -32.92 16.74
C PHE B 134 -8.59 -31.86 17.43
N TYR B 135 -9.20 -31.01 18.24
CA TYR B 135 -8.50 -29.90 18.87
C TYR B 135 -8.03 -30.30 20.26
N VAL B 136 -7.05 -29.56 20.76
CA VAL B 136 -6.61 -29.68 22.14
C VAL B 136 -7.09 -28.45 22.89
N SER B 137 -7.19 -28.59 24.21
CA SER B 137 -7.62 -27.48 25.04
C SER B 137 -6.52 -26.42 25.14
N ALA B 138 -6.94 -25.18 25.38
CA ALA B 138 -5.98 -24.09 25.54
C ALA B 138 -5.07 -24.33 26.75
N GLN B 139 -5.64 -24.89 27.83
CA GLN B 139 -4.85 -25.14 29.02
C GLN B 139 -3.75 -26.16 28.76
N ASP B 140 -4.03 -27.15 27.91
CA ASP B 140 -3.08 -28.21 27.61
C ASP B 140 -2.17 -27.88 26.44
N LEU B 141 -2.47 -26.82 25.66
CA LEU B 141 -1.66 -26.52 24.49
C LEU B 141 -0.17 -26.41 24.78
N PRO B 142 0.26 -25.79 25.88
CA PRO B 142 1.71 -25.74 26.14
C PRO B 142 2.32 -27.06 26.55
N HIS B 143 1.53 -28.00 27.08
CA HIS B 143 2.10 -29.22 27.66
C HIS B 143 1.95 -30.44 26.79
N ILE B 144 0.96 -30.48 25.89
CA ILE B 144 0.68 -31.68 25.12
C ILE B 144 1.89 -32.02 24.26
N GLU B 145 2.31 -33.28 24.31
CA GLU B 145 3.41 -33.75 23.49
C GLU B 145 3.06 -33.64 22.02
N ASN B 146 4.00 -33.11 21.23
CA ASN B 146 3.82 -32.90 19.80
C ASN B 146 2.74 -31.87 19.48
N GLY B 147 2.41 -31.02 20.44
CA GLY B 147 1.59 -29.85 20.20
C GLY B 147 0.19 -30.17 19.67
N GLY B 148 -0.38 -29.19 18.99
CA GLY B 148 -1.72 -29.32 18.45
C GLY B 148 -2.30 -27.96 18.11
N VAL B 149 -3.60 -27.96 17.86
CA VAL B 149 -4.36 -26.75 17.58
C VAL B 149 -5.44 -26.59 18.64
N ALA B 150 -5.47 -25.43 19.28
CA ALA B 150 -6.49 -25.10 20.26
C ALA B 150 -7.25 -23.87 19.81
N VAL B 151 -8.54 -23.84 20.15
CA VAL B 151 -9.42 -22.72 19.83
C VAL B 151 -9.97 -22.17 21.14
N LEU B 152 -9.73 -20.89 21.38
CA LEU B 152 -10.27 -20.19 22.55
C LEU B 152 -11.54 -19.49 22.07
N THR B 153 -12.68 -20.13 22.30
CA THR B 153 -13.95 -19.63 21.78
C THR B 153 -14.55 -18.61 22.75
N GLY B 154 -15.44 -17.78 22.21
CA GLY B 154 -16.09 -16.77 23.02
C GLY B 154 -15.16 -15.71 23.55
N LYS B 155 -14.04 -15.46 22.87
CA LYS B 155 -13.08 -14.45 23.29
C LYS B 155 -12.64 -13.64 22.08
N LYS B 156 -12.57 -12.32 22.26
CA LYS B 156 -12.27 -11.38 21.19
C LYS B 156 -10.97 -10.65 21.49
N VAL B 157 -10.08 -10.60 20.50
CA VAL B 157 -8.91 -9.73 20.59
C VAL B 157 -9.36 -8.29 20.40
N VAL B 158 -9.15 -7.47 21.42
CA VAL B 158 -9.57 -6.08 21.40
C VAL B 158 -8.41 -5.11 21.27
N GLN B 159 -7.17 -5.54 21.53
CA GLN B 159 -6.01 -4.69 21.43
C GLN B 159 -4.84 -5.49 20.90
N LEU B 160 -4.03 -4.86 20.04
CA LEU B 160 -2.88 -5.49 19.41
C LEU B 160 -1.67 -4.60 19.63
N ASP B 161 -0.66 -5.12 20.32
CA ASP B 161 0.57 -4.40 20.62
C ASP B 161 1.68 -5.02 19.77
N VAL B 162 1.99 -4.37 18.64
CA VAL B 162 2.95 -4.94 17.71
C VAL B 162 4.35 -4.93 18.31
N ARG B 163 4.72 -3.86 19.01
CA ARG B 163 6.09 -3.75 19.50
C ARG B 163 6.42 -4.85 20.49
N ASP B 164 5.48 -5.22 21.33
CA ASP B 164 5.70 -6.24 22.36
C ASP B 164 5.13 -7.61 21.96
N ASN B 165 4.68 -7.76 20.72
CA ASN B 165 4.14 -9.03 20.22
C ASN B 165 3.09 -9.59 21.19
N MET B 166 2.08 -8.77 21.49
CA MET B 166 1.10 -9.08 22.51
C MET B 166 -0.29 -8.69 22.02
N VAL B 167 -1.29 -9.45 22.46
CA VAL B 167 -2.69 -9.10 22.26
C VAL B 167 -3.36 -9.07 23.62
N LYS B 168 -4.48 -8.35 23.69
CA LYS B 168 -5.30 -8.27 24.89
C LYS B 168 -6.73 -8.68 24.53
N LEU B 169 -7.30 -9.58 25.32
CA LEU B 169 -8.63 -10.08 25.06
C LEU B 169 -9.67 -9.23 25.79
N ASN B 170 -10.93 -9.42 25.40
CA ASN B 170 -12.02 -8.64 26.00
C ASN B 170 -12.12 -8.86 27.51
N ASP B 171 -11.57 -9.96 28.03
CA ASP B 171 -11.59 -10.24 29.46
C ASP B 171 -10.35 -9.74 30.17
N GLY B 172 -9.49 -8.98 29.49
CA GLY B 172 -8.31 -8.42 30.09
C GLY B 172 -7.07 -9.28 30.02
N SER B 173 -7.22 -10.58 29.76
CA SER B 173 -6.05 -11.45 29.67
C SER B 173 -5.18 -11.03 28.49
N GLN B 174 -3.88 -11.25 28.62
CA GLN B 174 -2.91 -10.89 27.60
C GLN B 174 -2.13 -12.11 27.15
N ILE B 175 -1.87 -12.20 25.85
CA ILE B 175 -1.19 -13.33 25.24
C ILE B 175 -0.09 -12.79 24.33
N THR B 176 1.14 -13.27 24.54
CA THR B 176 2.26 -12.95 23.67
C THR B 176 2.43 -14.06 22.64
N TYR B 177 2.93 -13.68 21.47
CA TYR B 177 3.08 -14.60 20.34
C TYR B 177 4.45 -14.42 19.70
N GLU B 178 4.82 -15.41 18.89
CA GLU B 178 5.98 -15.33 18.01
C GLU B 178 5.58 -15.05 16.57
N LYS B 179 4.51 -15.68 16.09
CA LYS B 179 3.96 -15.42 14.77
C LYS B 179 2.46 -15.24 14.91
N CYS B 180 1.92 -14.25 14.20
CA CYS B 180 0.52 -13.90 14.33
C CYS B 180 -0.13 -13.77 12.97
N LEU B 181 -1.32 -14.34 12.84
CA LEU B 181 -2.16 -14.17 11.66
C LEU B 181 -3.44 -13.44 12.07
N ILE B 182 -3.78 -12.41 11.31
CA ILE B 182 -5.05 -11.71 11.47
C ILE B 182 -5.99 -12.26 10.41
N ALA B 183 -7.05 -12.94 10.84
CA ALA B 183 -8.03 -13.54 9.94
C ALA B 183 -9.42 -13.24 10.47
N THR B 184 -9.70 -11.94 10.60
CA THR B 184 -10.90 -11.45 11.25
C THR B 184 -12.11 -11.36 10.32
N GLY B 185 -11.92 -11.61 9.02
CA GLY B 185 -13.06 -11.58 8.12
C GLY B 185 -13.71 -10.22 8.07
N GLY B 186 -15.04 -10.22 8.07
CA GLY B 186 -15.80 -8.98 8.01
C GLY B 186 -17.16 -9.14 8.64
N THR B 187 -17.84 -8.00 8.80
CA THR B 187 -19.19 -7.93 9.34
C THR B 187 -20.16 -7.42 8.27
N PRO B 188 -21.36 -7.99 8.19
CA PRO B 188 -22.28 -7.59 7.12
C PRO B 188 -22.60 -6.10 7.17
N ARG B 189 -22.74 -5.49 5.98
CA ARG B 189 -23.19 -4.11 5.89
C ARG B 189 -24.68 -4.01 6.20
N SER B 190 -25.08 -2.80 6.59
CA SER B 190 -26.48 -2.46 6.79
C SER B 190 -26.83 -1.27 5.91
N LEU B 191 -28.13 -1.09 5.68
CA LEU B 191 -28.61 0.04 4.90
C LEU B 191 -28.87 1.23 5.81
N SER B 192 -28.49 2.42 5.32
CA SER B 192 -28.76 3.63 6.08
C SER B 192 -30.25 3.81 6.36
N ALA B 193 -31.11 3.35 5.44
CA ALA B 193 -32.54 3.44 5.66
C ALA B 193 -32.98 2.59 6.84
N ILE B 194 -32.30 1.47 7.08
CA ILE B 194 -32.64 0.64 8.23
C ILE B 194 -32.03 1.21 9.50
N ASP B 195 -30.84 1.81 9.42
CA ASP B 195 -30.21 2.38 10.60
C ASP B 195 -31.03 3.55 11.15
N ARG B 196 -31.74 4.28 10.29
CA ARG B 196 -32.57 5.39 10.71
C ARG B 196 -34.01 4.98 11.02
N ALA B 197 -34.35 3.70 10.89
CA ALA B 197 -35.75 3.29 10.95
C ALA B 197 -36.25 3.07 12.37
N GLY B 198 -35.35 2.90 13.33
CA GLY B 198 -35.74 2.69 14.71
C GLY B 198 -35.60 1.23 15.14
N ALA B 199 -35.74 1.03 16.46
CA ALA B 199 -35.52 -0.30 17.02
C ALA B 199 -36.50 -1.32 16.46
N GLU B 200 -37.76 -0.93 16.28
CA GLU B 200 -38.75 -1.86 15.76
C GLU B 200 -38.30 -2.46 14.43
N VAL B 201 -37.90 -1.60 13.49
CA VAL B 201 -37.47 -2.08 12.19
C VAL B 201 -36.17 -2.87 12.30
N LYS B 202 -35.25 -2.40 13.14
CA LYS B 202 -33.96 -3.08 13.26
C LYS B 202 -34.14 -4.48 13.83
N SER B 203 -35.02 -4.65 14.81
CA SER B 203 -35.26 -5.96 15.40
C SER B 203 -35.85 -6.95 14.39
N ARG B 204 -36.51 -6.46 13.35
CA ARG B 204 -37.11 -7.30 12.33
C ARG B 204 -36.27 -7.33 11.04
N THR B 205 -34.99 -6.99 11.15
CA THR B 205 -34.07 -7.03 10.02
C THR B 205 -32.90 -7.93 10.38
N THR B 206 -32.54 -8.83 9.46
CA THR B 206 -31.52 -9.85 9.69
C THR B 206 -30.30 -9.56 8.83
N LEU B 207 -29.13 -9.57 9.46
CA LEU B 207 -27.85 -9.57 8.76
C LEU B 207 -27.31 -10.99 8.79
N PHE B 208 -27.25 -11.63 7.61
CA PHE B 208 -27.03 -13.06 7.51
C PHE B 208 -25.54 -13.35 7.32
N ARG B 209 -24.94 -14.08 8.26
CA ARG B 209 -23.55 -14.49 8.12
C ARG B 209 -23.18 -15.71 8.95
N LYS B 210 -23.80 -15.88 10.12
CA LYS B 210 -23.38 -16.87 11.10
C LYS B 210 -24.42 -17.98 11.26
N ILE B 211 -24.00 -19.02 11.98
CA ILE B 211 -24.92 -20.12 12.30
C ILE B 211 -26.17 -19.58 12.99
N GLY B 212 -25.98 -18.66 13.93
CA GLY B 212 -27.14 -18.10 14.63
C GLY B 212 -28.09 -17.39 13.70
N ASP B 213 -27.57 -16.77 12.63
CA ASP B 213 -28.43 -16.12 11.66
C ASP B 213 -29.23 -17.13 10.87
N PHE B 214 -28.62 -18.26 10.52
CA PHE B 214 -29.36 -19.32 9.83
C PHE B 214 -30.48 -19.85 10.71
N ARG B 215 -30.18 -20.12 11.99
CA ARG B 215 -31.20 -20.67 12.87
C ARG B 215 -32.36 -19.69 13.08
N SER B 216 -32.05 -18.41 13.28
CA SER B 216 -33.11 -17.44 13.54
C SER B 216 -33.96 -17.21 12.30
N LEU B 217 -33.34 -17.19 11.12
CA LEU B 217 -34.11 -16.96 9.90
C LEU B 217 -34.92 -18.18 9.52
N GLU B 218 -34.41 -19.39 9.79
CA GLU B 218 -35.17 -20.59 9.51
C GLU B 218 -36.44 -20.64 10.36
N LYS B 219 -36.35 -20.22 11.62
CA LYS B 219 -37.54 -20.16 12.46
C LYS B 219 -38.52 -19.10 11.95
N ILE B 220 -38.00 -17.95 11.53
CA ILE B 220 -38.87 -16.90 11.00
C ILE B 220 -39.61 -17.39 9.76
N SER B 221 -38.92 -18.14 8.89
CA SER B 221 -39.58 -18.66 7.69
C SER B 221 -40.76 -19.56 8.04
N ARG B 222 -40.79 -20.12 9.25
CA ARG B 222 -41.88 -20.97 9.70
C ARG B 222 -42.91 -20.23 10.54
N GLU B 223 -42.73 -18.92 10.73
CA GLU B 223 -43.62 -18.12 11.58
C GLU B 223 -44.33 -17.00 10.84
N VAL B 224 -43.65 -16.30 9.94
CA VAL B 224 -44.24 -15.18 9.23
C VAL B 224 -44.68 -15.66 7.83
N LYS B 225 -45.52 -14.85 7.18
CA LYS B 225 -46.02 -15.19 5.86
C LYS B 225 -45.24 -14.51 4.72
N SER B 226 -44.48 -13.47 5.02
CA SER B 226 -43.79 -12.72 3.97
C SER B 226 -42.41 -12.29 4.46
N ILE B 227 -41.39 -12.62 3.70
CA ILE B 227 -40.01 -12.22 3.97
C ILE B 227 -39.49 -11.48 2.75
N THR B 228 -38.84 -10.35 2.98
CA THR B 228 -38.25 -9.55 1.91
C THR B 228 -36.74 -9.55 2.02
N ILE B 229 -36.07 -9.92 0.93
CA ILE B 229 -34.62 -9.88 0.84
C ILE B 229 -34.23 -8.60 0.11
N ILE B 230 -33.35 -7.82 0.72
CA ILE B 230 -32.83 -6.60 0.11
C ILE B 230 -31.39 -6.90 -0.31
N GLY B 231 -31.17 -6.93 -1.62
CA GLY B 231 -29.86 -7.26 -2.16
C GLY B 231 -29.95 -8.26 -3.29
N GLY B 232 -29.37 -7.92 -4.44
CA GLY B 232 -29.38 -8.78 -5.60
C GLY B 232 -28.12 -9.57 -5.83
N GLY B 233 -27.18 -9.56 -4.89
CA GLY B 233 -25.94 -10.28 -5.02
C GLY B 233 -26.13 -11.78 -4.85
N PHE B 234 -24.99 -12.46 -4.67
CA PHE B 234 -25.01 -13.92 -4.55
C PHE B 234 -25.71 -14.35 -3.28
N LEU B 235 -25.41 -13.71 -2.15
CA LEU B 235 -26.05 -14.07 -0.89
C LEU B 235 -27.56 -13.85 -0.97
N GLY B 236 -27.98 -12.66 -1.40
CA GLY B 236 -29.40 -12.39 -1.49
C GLY B 236 -30.14 -13.34 -2.42
N SER B 237 -29.52 -13.68 -3.55
CA SER B 237 -30.18 -14.55 -4.51
C SER B 237 -30.20 -15.99 -4.03
N GLU B 238 -29.13 -16.44 -3.37
CA GLU B 238 -29.15 -17.78 -2.80
C GLU B 238 -30.22 -17.90 -1.72
N LEU B 239 -30.30 -16.90 -0.83
CA LEU B 239 -31.32 -16.94 0.21
C LEU B 239 -32.72 -16.91 -0.38
N ALA B 240 -32.91 -16.19 -1.49
CA ALA B 240 -34.22 -16.14 -2.13
C ALA B 240 -34.63 -17.52 -2.63
N CYS B 241 -33.70 -18.25 -3.25
CA CYS B 241 -34.02 -19.60 -3.70
C CYS B 241 -34.26 -20.53 -2.51
N ALA B 242 -33.50 -20.35 -1.42
CA ALA B 242 -33.70 -21.20 -0.25
C ALA B 242 -35.03 -20.91 0.41
N LEU B 243 -35.31 -19.64 0.70
CA LEU B 243 -36.60 -19.28 1.27
C LEU B 243 -37.75 -19.55 0.31
N GLY B 244 -37.48 -19.44 -1.00
CA GLY B 244 -38.52 -19.79 -1.98
C GLY B 244 -38.91 -21.25 -1.90
N ARG B 245 -37.95 -22.13 -1.69
CA ARG B 245 -38.25 -23.55 -1.52
C ARG B 245 -39.12 -23.77 -0.29
N LYS B 246 -38.72 -23.20 0.84
CA LYS B 246 -39.51 -23.35 2.07
C LYS B 246 -40.89 -22.75 1.92
N ALA B 247 -41.02 -21.68 1.13
CA ALA B 247 -42.30 -20.98 1.03
C ALA B 247 -43.29 -21.71 0.13
N ARG B 248 -42.81 -22.52 -0.81
CA ARG B 248 -43.72 -23.25 -1.68
C ARG B 248 -44.52 -24.30 -0.91
N ALA B 249 -43.89 -24.94 0.09
CA ALA B 249 -44.58 -25.95 0.88
C ALA B 249 -45.53 -25.32 1.89
N LEU B 250 -45.21 -24.13 2.39
CA LEU B 250 -46.06 -23.44 3.36
C LEU B 250 -47.05 -22.49 2.70
N GLY B 251 -46.90 -22.21 1.41
CA GLY B 251 -47.77 -21.27 0.74
C GLY B 251 -47.52 -19.82 1.13
N THR B 252 -46.28 -19.49 1.46
CA THR B 252 -45.92 -18.16 1.94
C THR B 252 -45.23 -17.38 0.84
N GLU B 253 -44.83 -16.15 1.15
CA GLU B 253 -44.31 -15.20 0.18
C GLU B 253 -42.85 -14.90 0.44
N VAL B 254 -42.08 -14.75 -0.64
CA VAL B 254 -40.70 -14.31 -0.59
C VAL B 254 -40.50 -13.24 -1.64
N ILE B 255 -39.97 -12.09 -1.23
CA ILE B 255 -39.73 -10.95 -2.11
C ILE B 255 -38.23 -10.66 -2.09
N GLN B 256 -37.68 -10.34 -3.26
CA GLN B 256 -36.30 -9.90 -3.39
C GLN B 256 -36.28 -8.63 -4.22
N LEU B 257 -35.76 -7.55 -3.64
CA LEU B 257 -35.63 -6.28 -4.35
C LEU B 257 -34.18 -5.82 -4.29
N PHE B 258 -33.75 -5.15 -5.36
CA PHE B 258 -32.40 -4.65 -5.46
C PHE B 258 -32.37 -3.54 -6.50
N PRO B 259 -31.37 -2.66 -6.46
CA PRO B 259 -31.35 -1.52 -7.39
C PRO B 259 -30.99 -1.89 -8.81
N GLU B 260 -30.27 -2.98 -9.03
CA GLU B 260 -29.86 -3.35 -10.37
C GLU B 260 -31.07 -3.78 -11.20
N LYS B 261 -30.84 -3.99 -12.51
CA LYS B 261 -31.88 -4.45 -13.41
C LYS B 261 -32.16 -5.94 -13.27
N GLY B 262 -31.25 -6.70 -12.67
CA GLY B 262 -31.43 -8.12 -12.51
C GLY B 262 -30.46 -8.66 -11.48
N ASN B 263 -30.70 -9.92 -11.08
CA ASN B 263 -29.87 -10.56 -10.08
C ASN B 263 -28.41 -10.60 -10.52
N MET B 264 -27.50 -10.33 -9.57
CA MET B 264 -26.06 -10.34 -9.82
C MET B 264 -25.71 -9.42 -10.99
N GLY B 265 -26.43 -8.30 -11.11
CA GLY B 265 -26.23 -7.41 -12.24
C GLY B 265 -24.85 -6.77 -12.27
N LYS B 266 -24.18 -6.66 -11.13
CA LYS B 266 -22.84 -6.11 -11.06
C LYS B 266 -21.78 -7.13 -11.45
N ILE B 267 -22.14 -8.40 -11.60
CA ILE B 267 -21.20 -9.48 -11.88
C ILE B 267 -21.42 -10.07 -13.27
N LEU B 268 -22.67 -10.38 -13.61
CA LEU B 268 -22.97 -11.04 -14.86
C LEU B 268 -23.46 -10.03 -15.90
N PRO B 269 -23.26 -10.31 -17.19
CA PRO B 269 -23.85 -9.45 -18.22
C PRO B 269 -25.37 -9.45 -18.14
N GLU B 270 -25.97 -8.46 -18.81
CA GLU B 270 -27.40 -8.24 -18.66
C GLU B 270 -28.20 -9.44 -19.13
N TYR B 271 -27.81 -10.06 -20.25
CA TYR B 271 -28.59 -11.17 -20.79
C TYR B 271 -28.61 -12.35 -19.81
N LEU B 272 -27.49 -12.62 -19.14
CA LEU B 272 -27.44 -13.72 -18.20
C LEU B 272 -28.03 -13.33 -16.85
N SER B 273 -27.89 -12.07 -16.45
CA SER B 273 -28.54 -11.60 -15.23
C SER B 273 -30.06 -11.75 -15.32
N ASN B 274 -30.63 -11.45 -16.49
CA ASN B 274 -32.07 -11.55 -16.66
C ASN B 274 -32.52 -13.01 -16.67
N TRP B 275 -31.75 -13.88 -17.31
CA TRP B 275 -32.05 -15.30 -17.24
C TRP B 275 -32.07 -15.78 -15.79
N THR B 276 -31.14 -15.28 -14.98
CA THR B 276 -31.09 -15.66 -13.57
C THR B 276 -32.31 -15.15 -12.82
N MET B 277 -32.73 -13.92 -13.10
CA MET B 277 -33.90 -13.37 -12.42
C MET B 277 -35.13 -14.20 -12.70
N GLU B 278 -35.29 -14.65 -13.95
CA GLU B 278 -36.41 -15.52 -14.28
C GLU B 278 -36.29 -16.86 -13.55
N LYS B 279 -35.05 -17.36 -13.42
CA LYS B 279 -34.87 -18.62 -12.70
C LYS B 279 -35.26 -18.46 -11.23
N VAL B 280 -34.87 -17.36 -10.60
CA VAL B 280 -35.28 -17.10 -9.22
C VAL B 280 -36.79 -16.93 -9.15
N ARG B 281 -37.38 -16.24 -10.13
CA ARG B 281 -38.83 -16.08 -10.15
C ARG B 281 -39.53 -17.43 -10.23
N ARG B 282 -38.95 -18.38 -10.97
CA ARG B 282 -39.56 -19.69 -11.10
C ARG B 282 -39.41 -20.53 -9.83
N GLU B 283 -38.63 -20.07 -8.85
CA GLU B 283 -38.58 -20.68 -7.54
C GLU B 283 -39.64 -20.14 -6.59
N GLY B 284 -40.57 -19.33 -7.08
CA GLY B 284 -41.62 -18.79 -6.26
C GLY B 284 -41.31 -17.46 -5.59
N VAL B 285 -40.38 -16.68 -6.15
CA VAL B 285 -39.94 -15.44 -5.55
C VAL B 285 -40.46 -14.27 -6.39
N LYS B 286 -40.90 -13.22 -5.71
CA LYS B 286 -41.28 -11.97 -6.35
C LYS B 286 -40.06 -11.07 -6.40
N VAL B 287 -39.44 -10.98 -7.57
CA VAL B 287 -38.20 -10.22 -7.74
C VAL B 287 -38.56 -8.81 -8.22
N MET B 288 -38.09 -7.80 -7.49
CA MET B 288 -38.36 -6.40 -7.81
C MET B 288 -37.07 -5.69 -8.18
N PRO B 289 -36.66 -5.72 -9.45
CA PRO B 289 -35.45 -4.98 -9.85
C PRO B 289 -35.70 -3.49 -9.91
N ASN B 290 -34.61 -2.75 -10.11
CA ASN B 290 -34.65 -1.29 -10.24
C ASN B 290 -35.26 -0.63 -9.01
N ALA B 291 -35.04 -1.23 -7.84
CA ALA B 291 -35.62 -0.77 -6.59
C ALA B 291 -34.53 -0.18 -5.70
N ILE B 292 -34.71 1.08 -5.31
CA ILE B 292 -33.82 1.76 -4.38
C ILE B 292 -34.65 2.11 -3.14
N VAL B 293 -34.20 1.62 -1.98
CA VAL B 293 -34.95 1.86 -0.75
C VAL B 293 -34.75 3.29 -0.30
N GLN B 294 -35.86 3.99 -0.06
CA GLN B 294 -35.85 5.35 0.48
C GLN B 294 -36.07 5.36 1.99
N SER B 295 -36.99 4.55 2.49
CA SER B 295 -37.26 4.48 3.93
C SER B 295 -37.94 3.16 4.25
N VAL B 296 -37.90 2.80 5.53
CA VAL B 296 -38.56 1.60 6.02
C VAL B 296 -39.19 1.93 7.37
N GLY B 297 -40.46 1.57 7.54
CA GLY B 297 -41.17 1.81 8.77
C GLY B 297 -42.11 0.65 9.07
N VAL B 298 -42.83 0.79 10.18
CA VAL B 298 -43.80 -0.22 10.60
C VAL B 298 -45.19 0.39 10.48
N SER B 299 -46.04 -0.25 9.68
CA SER B 299 -47.41 0.19 9.45
C SER B 299 -48.34 -0.89 9.97
N SER B 300 -49.04 -0.59 11.07
CA SER B 300 -50.00 -1.53 11.66
C SER B 300 -49.39 -2.91 11.85
N GLY B 301 -48.25 -2.94 12.54
CA GLY B 301 -47.50 -4.16 12.77
C GLY B 301 -46.77 -4.73 11.56
N LYS B 302 -47.02 -4.22 10.37
CA LYS B 302 -46.37 -4.70 9.16
C LYS B 302 -45.19 -3.81 8.82
N LEU B 303 -44.17 -4.39 8.19
CA LEU B 303 -43.07 -3.59 7.67
C LEU B 303 -43.46 -3.01 6.32
N LEU B 304 -43.23 -1.71 6.15
CA LEU B 304 -43.55 -1.03 4.90
C LEU B 304 -42.27 -0.41 4.35
N ILE B 305 -41.86 -0.88 3.18
CA ILE B 305 -40.65 -0.39 2.52
C ILE B 305 -41.09 0.57 1.43
N LYS B 306 -40.61 1.81 1.50
CA LYS B 306 -40.90 2.82 0.48
C LYS B 306 -39.70 2.96 -0.43
N LEU B 307 -39.91 2.80 -1.73
CA LEU B 307 -38.86 2.89 -2.72
C LEU B 307 -38.84 4.28 -3.36
N LYS B 308 -37.68 4.63 -3.93
CA LYS B 308 -37.52 5.96 -4.50
C LYS B 308 -38.44 6.19 -5.69
N ASP B 309 -38.76 5.13 -6.44
CA ASP B 309 -39.59 5.27 -7.63
C ASP B 309 -41.07 5.34 -7.33
N GLY B 310 -41.47 5.31 -6.06
CA GLY B 310 -42.85 5.46 -5.66
C GLY B 310 -43.52 4.20 -5.17
N ARG B 311 -42.95 3.04 -5.48
CA ARG B 311 -43.54 1.77 -5.05
C ARG B 311 -43.39 1.57 -3.55
N LYS B 312 -44.30 0.77 -3.00
CA LYS B 312 -44.33 0.45 -1.57
C LYS B 312 -44.49 -1.05 -1.42
N VAL B 313 -43.75 -1.64 -0.48
CA VAL B 313 -43.73 -3.08 -0.27
C VAL B 313 -44.07 -3.37 1.18
N GLU B 314 -45.11 -4.16 1.40
CA GLU B 314 -45.49 -4.62 2.73
C GLU B 314 -44.96 -6.02 2.96
N THR B 315 -44.33 -6.23 4.12
CA THR B 315 -43.71 -7.53 4.42
C THR B 315 -43.59 -7.65 5.93
N ASP B 316 -43.27 -8.87 6.38
CA ASP B 316 -43.17 -9.17 7.80
C ASP B 316 -41.75 -9.17 8.33
N HIS B 317 -40.77 -9.55 7.51
CA HIS B 317 -39.39 -9.61 7.94
C HIS B 317 -38.49 -9.21 6.78
N ILE B 318 -37.37 -8.57 7.11
CA ILE B 318 -36.40 -8.12 6.12
C ILE B 318 -35.09 -8.83 6.37
N VAL B 319 -34.45 -9.25 5.27
CA VAL B 319 -33.09 -9.77 5.31
C VAL B 319 -32.25 -8.88 4.42
N ALA B 320 -31.24 -8.23 5.00
CA ALA B 320 -30.35 -7.33 4.28
C ALA B 320 -29.10 -8.11 3.86
N ALA B 321 -28.91 -8.24 2.55
CA ALA B 321 -27.73 -8.87 1.98
C ALA B 321 -27.06 -7.85 1.04
N VAL B 322 -26.43 -6.84 1.63
CA VAL B 322 -25.92 -5.70 0.86
C VAL B 322 -24.43 -5.53 1.11
N GLY B 323 -23.69 -6.63 1.15
CA GLY B 323 -22.24 -6.56 1.17
C GLY B 323 -21.65 -6.76 2.55
N LEU B 324 -20.36 -6.42 2.64
CA LEU B 324 -19.53 -6.81 3.76
C LEU B 324 -18.54 -5.71 4.07
N GLU B 325 -18.24 -5.51 5.35
CA GLU B 325 -17.20 -4.58 5.76
C GLU B 325 -16.08 -5.33 6.46
N PRO B 326 -14.83 -5.23 6.00
CA PRO B 326 -13.74 -5.93 6.68
C PRO B 326 -13.58 -5.46 8.12
N ASN B 327 -13.29 -6.41 9.00
CA ASN B 327 -13.09 -6.12 10.42
C ASN B 327 -11.65 -5.65 10.63
N VAL B 328 -11.45 -4.34 10.64
CA VAL B 328 -10.13 -3.76 10.75
C VAL B 328 -9.97 -2.97 12.05
N GLU B 329 -10.78 -3.27 13.06
CA GLU B 329 -10.70 -2.53 14.32
C GLU B 329 -9.30 -2.61 14.94
N LEU B 330 -8.60 -3.74 14.76
CA LEU B 330 -7.31 -3.92 15.39
C LEU B 330 -6.21 -3.09 14.74
N ALA B 331 -6.46 -2.50 13.56
CA ALA B 331 -5.44 -1.68 12.92
C ALA B 331 -5.11 -0.43 13.73
N LYS B 332 -6.10 0.09 14.47
CA LYS B 332 -5.88 1.31 15.25
C LYS B 332 -4.81 1.09 16.31
N THR B 333 -5.12 0.24 17.29
CA THR B 333 -4.16 -0.03 18.36
C THR B 333 -2.86 -0.61 17.80
N GLY B 334 -2.96 -1.44 16.76
CA GLY B 334 -1.78 -2.09 16.21
C GLY B 334 -0.91 -1.22 15.34
N GLY B 335 -1.37 -0.03 14.97
CA GLY B 335 -0.62 0.80 14.04
C GLY B 335 -0.46 0.16 12.69
N LEU B 336 -1.44 -0.63 12.25
CA LEU B 336 -1.37 -1.31 10.96
C LEU B 336 -2.08 -0.49 9.90
N GLU B 337 -1.55 -0.54 8.68
CA GLU B 337 -2.08 0.25 7.59
C GLU B 337 -3.32 -0.39 7.00
N ILE B 338 -4.34 0.43 6.74
CA ILE B 338 -5.56 0.03 6.04
C ILE B 338 -5.48 0.53 4.62
N ASP B 339 -6.10 -0.20 3.70
CA ASP B 339 -6.12 0.18 2.30
C ASP B 339 -7.37 1.03 2.04
N SER B 340 -7.16 2.27 1.60
CA SER B 340 -8.27 3.19 1.40
C SER B 340 -9.07 2.84 0.15
N ASP B 341 -8.45 2.21 -0.84
CA ASP B 341 -9.15 1.90 -2.09
C ASP B 341 -10.03 0.67 -1.95
N PHE B 342 -9.47 -0.43 -1.45
CA PHE B 342 -10.16 -1.70 -1.38
C PHE B 342 -10.65 -2.06 0.02
N GLY B 343 -10.25 -1.31 1.04
CA GLY B 343 -10.54 -1.69 2.41
C GLY B 343 -9.65 -2.82 2.87
N GLY B 344 -9.66 -3.11 4.17
CA GLY B 344 -8.92 -4.22 4.72
C GLY B 344 -7.48 -3.84 5.09
N PHE B 345 -6.81 -4.79 5.74
CA PHE B 345 -5.40 -4.61 6.08
C PHE B 345 -4.54 -4.67 4.82
N ARG B 346 -3.70 -3.66 4.64
CA ARG B 346 -2.79 -3.63 3.49
C ARG B 346 -1.59 -4.52 3.79
N VAL B 347 -1.40 -5.57 2.97
CA VAL B 347 -0.28 -6.48 3.08
C VAL B 347 0.35 -6.64 1.71
N ASN B 348 1.53 -7.26 1.68
CA ASN B 348 2.28 -7.41 0.45
C ASN B 348 1.90 -8.73 -0.23
N ALA B 349 2.70 -9.15 -1.21
CA ALA B 349 2.37 -10.35 -1.97
C ALA B 349 2.44 -11.61 -1.12
N GLU B 350 3.25 -11.60 -0.05
CA GLU B 350 3.36 -12.73 0.85
C GLU B 350 2.33 -12.67 1.98
N LEU B 351 1.37 -11.75 1.89
CA LEU B 351 0.31 -11.56 2.89
C LEU B 351 0.87 -11.04 4.21
N GLN B 352 2.06 -10.47 4.20
CA GLN B 352 2.71 -10.00 5.42
C GLN B 352 2.42 -8.52 5.62
N ALA B 353 2.12 -8.15 6.86
CA ALA B 353 1.91 -6.77 7.25
C ALA B 353 3.14 -6.18 7.94
N ARG B 354 3.66 -6.89 8.93
CA ARG B 354 4.86 -6.51 9.65
C ARG B 354 5.70 -7.77 9.86
N SER B 355 6.82 -7.62 10.58
CA SER B 355 7.82 -8.68 10.64
C SER B 355 7.23 -10.04 11.04
N ASN B 356 6.29 -10.05 11.99
N ASN B 356 6.30 -10.06 11.99
CA ASN B 356 5.72 -11.29 12.49
CA ASN B 356 5.71 -11.32 12.43
C ASN B 356 4.19 -11.26 12.49
C ASN B 356 4.20 -11.23 12.50
N ILE B 357 3.59 -10.53 11.55
CA ILE B 357 2.14 -10.43 11.44
C ILE B 357 1.75 -10.62 9.99
N TRP B 358 0.84 -11.55 9.73
CA TRP B 358 0.27 -11.79 8.42
C TRP B 358 -1.24 -11.59 8.48
N VAL B 359 -1.86 -11.45 7.31
CA VAL B 359 -3.31 -11.28 7.20
C VAL B 359 -3.80 -12.14 6.04
N ALA B 360 -4.95 -12.77 6.23
CA ALA B 360 -5.51 -13.66 5.23
C ALA B 360 -7.02 -13.51 5.21
N GLY B 361 -7.65 -14.05 4.16
CA GLY B 361 -9.10 -14.07 4.08
C GLY B 361 -9.71 -12.76 3.61
N ASP B 362 -10.99 -12.59 3.97
CA ASP B 362 -11.73 -11.41 3.53
C ASP B 362 -11.05 -10.10 3.94
N ALA B 363 -10.36 -10.10 5.07
CA ALA B 363 -9.79 -8.88 5.61
C ALA B 363 -8.46 -8.49 4.96
N ALA B 364 -7.92 -9.32 4.07
CA ALA B 364 -6.58 -9.09 3.54
C ALA B 364 -6.60 -8.39 2.18
N PHE B 366 -4.16 -7.50 -0.46
CA PHE B 366 -2.84 -7.98 -0.80
C PHE B 366 -2.42 -7.54 -2.19
N TYR B 367 -1.13 -7.66 -2.49
CA TYR B 367 -0.61 -7.33 -3.81
C TYR B 367 -0.48 -8.60 -4.64
N ASP B 368 -1.21 -8.65 -5.76
CA ASP B 368 -1.09 -9.74 -6.71
C ASP B 368 -0.07 -9.29 -7.76
N ILE B 369 1.08 -9.98 -7.81
CA ILE B 369 2.15 -9.56 -8.70
C ILE B 369 1.72 -9.60 -10.15
N LYS B 370 0.69 -10.39 -10.47
CA LYS B 370 0.18 -10.48 -11.84
C LYS B 370 -1.06 -9.62 -12.09
N LEU B 371 -1.96 -9.50 -11.11
CA LEU B 371 -3.24 -8.81 -11.31
C LEU B 371 -3.33 -7.48 -10.57
N GLY B 372 -2.32 -7.11 -9.78
CA GLY B 372 -2.38 -5.87 -9.03
C GLY B 372 -2.96 -6.07 -7.65
N ARG B 373 -3.08 -4.96 -6.93
CA ARG B 373 -3.58 -5.01 -5.57
C ARG B 373 -5.06 -5.36 -5.55
N ARG B 374 -5.45 -6.29 -4.69
CA ARG B 374 -6.82 -6.80 -4.64
C ARG B 374 -7.23 -7.08 -3.21
N ARG B 375 -8.54 -7.22 -3.01
CA ARG B 375 -9.11 -7.84 -1.83
C ARG B 375 -10.24 -8.75 -2.26
N VAL B 376 -10.18 -10.01 -1.86
CA VAL B 376 -11.09 -11.05 -2.33
C VAL B 376 -11.90 -11.58 -1.15
N GLU B 377 -13.18 -11.84 -1.39
CA GLU B 377 -14.08 -12.35 -0.35
C GLU B 377 -14.71 -13.67 -0.78
N HIS B 378 -13.89 -14.70 -0.99
CA HIS B 378 -14.35 -15.99 -1.44
C HIS B 378 -13.91 -17.07 -0.45
N HIS B 379 -14.72 -18.11 -0.34
CA HIS B 379 -14.37 -19.23 0.53
C HIS B 379 -13.03 -19.82 0.15
N ASP B 380 -12.86 -20.13 -1.14
CA ASP B 380 -11.61 -20.74 -1.60
C ASP B 380 -10.43 -19.80 -1.39
N HIS B 381 -10.65 -18.49 -1.49
CA HIS B 381 -9.58 -17.54 -1.24
C HIS B 381 -9.15 -17.58 0.22
N ALA B 382 -10.11 -17.72 1.14
CA ALA B 382 -9.75 -17.84 2.54
C ALA B 382 -8.92 -19.10 2.78
N VAL B 383 -9.27 -20.19 2.10
CA VAL B 383 -8.51 -21.43 2.24
C VAL B 383 -7.12 -21.25 1.66
N VAL B 384 -7.02 -20.74 0.44
CA VAL B 384 -5.72 -20.62 -0.23
C VAL B 384 -4.84 -19.61 0.50
N SER B 385 -5.37 -18.44 0.82
CA SER B 385 -4.55 -17.42 1.46
C SER B 385 -4.23 -17.79 2.90
N GLY B 386 -5.16 -18.44 3.60
CA GLY B 386 -4.84 -18.94 4.92
C GLY B 386 -3.75 -19.99 4.90
N ARG B 387 -3.82 -20.91 3.93
CA ARG B 387 -2.76 -21.91 3.80
C ARG B 387 -1.43 -21.25 3.48
N LEU B 388 -1.43 -20.27 2.57
CA LEU B 388 -0.20 -19.58 2.21
C LEU B 388 0.39 -18.85 3.42
N ALA B 389 -0.44 -18.10 4.14
CA ALA B 389 0.03 -17.41 5.32
C ALA B 389 0.66 -18.40 6.29
N GLY B 390 -0.01 -19.54 6.52
CA GLY B 390 0.57 -20.56 7.38
C GLY B 390 1.96 -20.98 6.91
N GLU B 391 2.11 -21.20 5.60
CA GLU B 391 3.42 -21.56 5.07
C GLU B 391 4.44 -20.44 5.29
N ASN B 392 4.04 -19.19 5.06
CA ASN B 392 4.98 -18.08 5.26
C ASN B 392 5.26 -17.86 6.74
N MET B 393 4.32 -18.22 7.62
CA MET B 393 4.59 -18.15 9.05
C MET B 393 5.59 -19.21 9.49
N THR B 394 5.87 -20.19 8.63
CA THR B 394 6.89 -21.19 8.87
C THR B 394 8.05 -21.09 7.88
N GLY B 395 8.26 -19.89 7.32
CA GLY B 395 9.47 -19.58 6.58
C GLY B 395 9.39 -19.72 5.08
N ALA B 396 8.20 -19.89 4.51
CA ALA B 396 8.10 -20.22 3.09
C ALA B 396 8.48 -19.02 2.20
N ALA B 397 8.13 -17.81 2.62
CA ALA B 397 8.40 -16.58 1.84
C ALA B 397 7.88 -16.73 0.41
N LYS B 398 6.66 -17.21 0.27
CA LYS B 398 6.01 -17.46 -1.02
C LYS B 398 4.96 -16.39 -1.33
N PRO B 399 4.90 -15.89 -2.56
CA PRO B 399 3.87 -14.91 -2.91
C PRO B 399 2.58 -15.56 -3.36
N TYR B 400 1.47 -14.84 -3.18
CA TYR B 400 0.18 -15.29 -3.68
C TYR B 400 0.25 -15.51 -5.19
N TRP B 401 -0.05 -16.73 -5.62
CA TRP B 401 0.18 -17.15 -7.00
C TRP B 401 -0.97 -18.01 -7.51
N HIS B 402 -1.27 -19.10 -6.81
CA HIS B 402 -2.41 -19.94 -7.16
C HIS B 402 -3.71 -19.16 -6.96
N GLN B 403 -4.41 -18.87 -8.06
CA GLN B 403 -5.63 -18.09 -8.02
C GLN B 403 -6.78 -18.87 -7.40
N SER B 404 -7.64 -18.16 -6.66
CA SER B 404 -8.81 -18.75 -6.03
C SER B 404 -10.02 -18.64 -6.96
N MET B 405 -10.91 -19.62 -6.86
CA MET B 405 -12.17 -19.64 -7.59
C MET B 405 -13.31 -19.38 -6.61
N PHE B 406 -14.47 -19.00 -7.15
CA PHE B 406 -15.67 -18.99 -6.35
C PHE B 406 -16.83 -19.55 -7.15
N TRP B 407 -17.90 -19.90 -6.44
CA TRP B 407 -19.06 -20.55 -7.03
C TRP B 407 -20.31 -20.05 -6.33
N SER B 408 -21.44 -20.28 -7.00
CA SER B 408 -22.75 -20.00 -6.42
C SER B 408 -23.74 -21.00 -6.98
N ASP B 409 -24.65 -21.47 -6.13
CA ASP B 409 -25.72 -22.35 -6.51
C ASP B 409 -27.05 -21.71 -6.18
N LEU B 410 -27.95 -21.65 -7.16
CA LEU B 410 -29.34 -21.28 -6.92
C LEU B 410 -30.22 -22.53 -6.95
N GLY B 411 -29.94 -23.41 -5.99
CA GLY B 411 -30.55 -24.72 -5.94
C GLY B 411 -29.64 -25.78 -6.56
N PRO B 412 -30.12 -27.02 -6.62
CA PRO B 412 -29.37 -28.09 -7.29
C PRO B 412 -29.47 -28.05 -8.81
N ASP B 413 -30.03 -26.99 -9.39
CA ASP B 413 -30.26 -26.90 -10.83
C ASP B 413 -29.32 -25.91 -11.51
N VAL B 414 -29.22 -24.68 -11.00
CA VAL B 414 -28.38 -23.64 -11.60
C VAL B 414 -27.11 -23.50 -10.77
N GLY B 415 -25.96 -23.52 -11.45
CA GLY B 415 -24.67 -23.39 -10.78
C GLY B 415 -23.68 -22.52 -11.53
N TYR B 416 -22.99 -21.65 -10.80
CA TYR B 416 -21.99 -20.76 -11.37
C TYR B 416 -20.63 -21.06 -10.78
N GLU B 417 -19.60 -21.00 -11.62
CA GLU B 417 -18.21 -20.96 -11.18
C GLU B 417 -17.51 -19.79 -11.85
N ALA B 418 -16.54 -19.22 -11.16
CA ALA B 418 -15.87 -18.02 -11.66
C ALA B 418 -14.46 -17.95 -11.09
N ILE B 419 -13.61 -17.19 -11.78
CA ILE B 419 -12.21 -17.06 -11.40
C ILE B 419 -11.67 -15.80 -12.04
N GLY B 420 -10.80 -15.11 -11.32
CA GLY B 420 -10.18 -13.91 -11.83
C GLY B 420 -11.00 -12.66 -11.56
N LEU B 421 -10.79 -11.66 -12.41
CA LEU B 421 -11.43 -10.36 -12.28
C LEU B 421 -12.75 -10.39 -13.04
N VAL B 422 -13.85 -10.57 -12.31
CA VAL B 422 -15.18 -10.72 -12.88
C VAL B 422 -16.00 -9.49 -12.51
N ASP B 423 -16.33 -8.69 -13.52
CA ASP B 423 -17.03 -7.43 -13.29
C ASP B 423 -17.87 -7.13 -14.53
N SER B 424 -19.17 -6.90 -14.31
CA SER B 424 -20.07 -6.63 -15.43
C SER B 424 -19.69 -5.38 -16.19
N SER B 425 -18.87 -4.51 -15.61
CA SER B 425 -18.43 -3.31 -16.33
C SER B 425 -17.45 -3.65 -17.44
N LEU B 426 -16.63 -4.68 -17.25
CA LEU B 426 -15.71 -5.10 -18.29
C LEU B 426 -16.47 -5.64 -19.50
N PRO B 427 -15.89 -5.53 -20.69
CA PRO B 427 -16.55 -6.12 -21.87
C PRO B 427 -16.54 -7.65 -21.79
N THR B 428 -17.61 -8.26 -22.27
CA THR B 428 -17.80 -9.70 -22.13
C THR B 428 -18.21 -10.31 -23.46
N VAL B 429 -17.88 -11.59 -23.63
CA VAL B 429 -18.29 -12.39 -24.78
C VAL B 429 -18.77 -13.73 -24.23
N GLY B 430 -20.02 -14.08 -24.51
CA GLY B 430 -20.60 -15.30 -23.99
C GLY B 430 -20.90 -16.33 -25.06
N VAL B 431 -20.34 -17.52 -24.91
CA VAL B 431 -20.56 -18.64 -25.82
C VAL B 431 -21.40 -19.66 -25.09
N PHE B 432 -22.60 -19.94 -25.61
CA PHE B 432 -23.58 -20.78 -24.96
C PHE B 432 -23.95 -21.96 -25.85
N ALA B 433 -24.56 -22.96 -25.23
CA ALA B 433 -24.99 -24.17 -25.93
C ALA B 433 -26.32 -24.66 -25.37
N LYS B 486 -26.12 -23.68 -20.07
CA LYS B 486 -24.71 -24.01 -20.16
C LYS B 486 -23.98 -22.99 -21.04
N GLY B 487 -22.81 -22.54 -20.57
CA GLY B 487 -22.03 -21.61 -21.35
C GLY B 487 -20.86 -21.08 -20.55
N VAL B 488 -20.05 -20.26 -21.22
CA VAL B 488 -18.87 -19.64 -20.63
C VAL B 488 -18.88 -18.16 -20.99
N ILE B 489 -18.59 -17.32 -19.99
CA ILE B 489 -18.53 -15.87 -20.17
C ILE B 489 -17.07 -15.45 -20.05
N PHE B 490 -16.53 -14.86 -21.10
CA PHE B 490 -15.19 -14.33 -21.09
C PHE B 490 -15.24 -12.84 -20.79
N TYR B 491 -14.48 -12.41 -19.79
CA TYR B 491 -14.37 -10.99 -19.45
C TYR B 491 -13.03 -10.52 -20.01
N LEU B 492 -13.10 -9.76 -21.09
CA LEU B 492 -11.96 -9.46 -21.94
C LEU B 492 -11.50 -8.01 -21.77
N ARG B 493 -10.29 -7.76 -22.27
CA ARG B 493 -9.79 -6.40 -22.43
C ARG B 493 -8.80 -6.47 -23.58
N ASP B 494 -9.25 -6.08 -24.77
CA ASP B 494 -8.48 -6.18 -26.00
C ASP B 494 -8.14 -7.63 -26.32
N LYS B 495 -9.15 -8.50 -26.21
CA LYS B 495 -9.02 -9.92 -26.53
C LYS B 495 -8.11 -10.66 -25.55
N VAL B 496 -7.84 -10.09 -24.38
CA VAL B 496 -7.04 -10.74 -23.34
C VAL B 496 -7.99 -11.09 -22.21
N VAL B 497 -8.15 -12.37 -21.94
CA VAL B 497 -9.05 -12.85 -20.90
C VAL B 497 -8.47 -12.53 -19.52
N VAL B 498 -9.24 -11.79 -18.72
CA VAL B 498 -8.87 -11.51 -17.34
C VAL B 498 -9.82 -12.17 -16.34
N GLY B 499 -10.98 -12.62 -16.78
CA GLY B 499 -11.93 -13.29 -15.89
C GLY B 499 -12.83 -14.20 -16.69
N ILE B 500 -13.29 -15.28 -16.03
CA ILE B 500 -14.13 -16.28 -16.66
C ILE B 500 -15.26 -16.65 -15.72
N VAL B 501 -16.46 -16.80 -16.27
CA VAL B 501 -17.61 -17.34 -15.56
C VAL B 501 -18.06 -18.59 -16.30
N LEU B 502 -18.06 -19.72 -15.60
CA LEU B 502 -18.55 -20.98 -16.14
C LEU B 502 -19.97 -21.19 -15.66
N TRP B 503 -20.93 -21.15 -16.61
CA TRP B 503 -22.35 -21.27 -16.31
C TRP B 503 -22.77 -22.71 -16.55
N ASN B 504 -23.04 -23.45 -15.46
CA ASN B 504 -23.42 -24.85 -15.54
C ASN B 504 -22.38 -25.70 -16.28
N ILE B 505 -21.11 -25.33 -16.12
CA ILE B 505 -19.98 -26.13 -16.60
C ILE B 505 -19.10 -26.40 -15.39
N PHE B 506 -18.87 -27.68 -15.11
CA PHE B 506 -18.19 -28.08 -13.89
C PHE B 506 -16.97 -28.93 -14.22
N ASN B 507 -16.05 -28.98 -13.26
CA ASN B 507 -14.82 -29.77 -13.37
C ASN B 507 -13.90 -29.26 -14.47
N ARG B 508 -13.94 -27.95 -14.76
CA ARG B 508 -13.05 -27.37 -15.75
C ARG B 508 -12.40 -26.08 -15.26
N MET B 509 -12.35 -25.87 -13.95
CA MET B 509 -11.68 -24.70 -13.41
C MET B 509 -10.19 -24.67 -13.73
N PRO B 510 -9.45 -25.78 -13.65
CA PRO B 510 -8.02 -25.72 -14.01
C PRO B 510 -7.78 -25.19 -15.42
N ILE B 511 -8.70 -25.44 -16.36
CA ILE B 511 -8.55 -24.89 -17.70
C ILE B 511 -8.72 -23.38 -17.68
N ALA B 512 -9.77 -22.90 -17.02
CA ALA B 512 -9.98 -21.46 -16.91
C ALA B 512 -8.80 -20.80 -16.21
N ARG B 513 -8.27 -21.45 -15.17
CA ARG B 513 -7.14 -20.90 -14.44
C ARG B 513 -5.92 -20.76 -15.34
N LYS B 514 -5.72 -21.72 -16.26
CA LYS B 514 -4.57 -21.65 -17.15
C LYS B 514 -4.76 -20.59 -18.23
N ILE B 515 -5.97 -20.45 -18.75
CA ILE B 515 -6.24 -19.43 -19.76
C ILE B 515 -5.84 -18.05 -19.23
N ILE B 516 -6.17 -17.77 -17.97
CA ILE B 516 -5.90 -16.46 -17.39
C ILE B 516 -4.43 -16.35 -17.00
N LYS B 517 -3.85 -17.42 -16.46
CA LYS B 517 -2.44 -17.38 -16.07
C LYS B 517 -1.55 -17.11 -17.28
N ASP B 518 -1.85 -17.77 -18.41
CA ASP B 518 -1.00 -17.64 -19.58
C ASP B 518 -0.92 -16.21 -20.07
N GLY B 519 -1.95 -15.40 -19.81
CA GLY B 519 -1.97 -14.04 -20.29
C GLY B 519 -2.00 -13.92 -21.79
N GLU B 520 -2.46 -14.95 -22.48
CA GLU B 520 -2.48 -14.99 -23.94
C GLU B 520 -3.65 -14.15 -24.48
N GLN B 521 -3.51 -13.73 -25.74
CA GLN B 521 -4.57 -13.06 -26.47
C GLN B 521 -5.25 -14.02 -27.43
N HIS B 522 -6.54 -13.80 -27.67
CA HIS B 522 -7.35 -14.72 -28.46
C HIS B 522 -8.22 -13.94 -29.43
N GLU B 523 -8.16 -14.31 -30.71
CA GLU B 523 -8.99 -13.68 -31.73
C GLU B 523 -10.32 -14.38 -31.94
N ASP B 524 -10.41 -15.68 -31.66
CA ASP B 524 -11.64 -16.46 -31.80
C ASP B 524 -11.86 -17.19 -30.47
N LEU B 525 -12.52 -16.53 -29.54
CA LEU B 525 -12.86 -17.16 -28.26
C LEU B 525 -13.88 -18.27 -28.41
N ASN B 526 -14.52 -18.41 -29.57
CA ASN B 526 -15.37 -19.57 -29.79
C ASN B 526 -14.55 -20.85 -29.83
N GLU B 527 -13.29 -20.76 -30.28
CA GLU B 527 -12.39 -21.90 -30.20
C GLU B 527 -11.92 -22.14 -28.78
N VAL B 528 -11.75 -21.07 -27.99
CA VAL B 528 -11.42 -21.23 -26.58
C VAL B 528 -12.60 -21.85 -25.84
N ALA B 529 -13.83 -21.55 -26.29
CA ALA B 529 -15.01 -22.15 -25.65
C ALA B 529 -15.02 -23.67 -25.82
N LYS B 530 -14.39 -24.17 -26.88
CA LYS B 530 -14.32 -25.61 -27.08
C LYS B 530 -13.53 -26.27 -25.94
N LEU B 531 -12.61 -25.55 -25.31
CA LEU B 531 -11.90 -26.09 -24.16
C LEU B 531 -12.84 -26.39 -23.02
N PHE B 532 -14.05 -25.82 -23.02
CA PHE B 532 -15.08 -26.12 -22.04
C PHE B 532 -16.18 -26.98 -22.63
N ASN B 533 -15.89 -27.70 -23.72
CA ASN B 533 -16.85 -28.59 -24.38
C ASN B 533 -18.07 -27.81 -24.87
N ILE B 534 -17.83 -26.64 -25.45
CA ILE B 534 -18.87 -25.82 -26.05
C ILE B 534 -18.58 -25.77 -27.54
N HIS B 535 -19.42 -26.42 -28.33
CA HIS B 535 -19.25 -26.45 -29.78
C HIS B 535 -20.49 -25.93 -30.49
N GLU B 539 -25.19 -19.88 -30.04
CA GLU B 539 -25.70 -18.66 -29.41
C GLU B 539 -24.56 -17.86 -28.79
N VAL B 540 -24.08 -16.86 -29.53
CA VAL B 540 -22.99 -16.00 -29.08
C VAL B 540 -23.57 -14.64 -28.75
N LEU B 541 -23.66 -14.33 -27.46
CA LEU B 541 -24.20 -13.06 -26.99
C LEU B 541 -23.09 -12.03 -26.86
N PHE B 542 -23.44 -10.77 -27.09
CA PHE B 542 -22.50 -9.65 -27.03
C PHE B 542 -23.01 -8.62 -26.02
N GLN B 543 -22.07 -7.99 -25.32
CA GLN B 543 -22.41 -6.98 -24.32
C GLN B 543 -21.15 -6.32 -23.76
#